data_7P9E
#
_entry.id   7P9E
#
_cell.length_a   84.149
_cell.length_b   80.299
_cell.length_c   95.636
_cell.angle_alpha   90.000
_cell.angle_beta   90.014
_cell.angle_gamma   90.000
#
_symmetry.space_group_name_H-M   'C 1 2 1'
#
loop_
_entity.id
_entity.type
_entity.pdbx_description
1 polymer 'Thioredoxin reductase'
2 non-polymer 'FLAVIN-ADENINE DINUCLEOTIDE'
3 non-polymer 1-ETHOXY-2-(2-ETHOXYETHOXY)ETHANE
4 water water
#
_entity_poly.entity_id   1
_entity_poly.type   'polypeptide(L)'
_entity_poly.pdbx_seq_one_letter_code
;MENVVIIGSGPAGYTAAIYAARANLKPVVFEGFRNGRGGQLMTTTEVENFPGFPEGITGPDLMDRMRKQAERWGSELYTE
DVEQVDLSVRPFVIRSSDRELRAHSVIIATGATAKRLGLPSENTFWSRGISACAISDGASPLFKNAEVAVVGGGDSATEE
AVYVTKYAKHVHLLVRGERMRASKAMQDRVLANPRITVHFNTGIEDAFGGEVLQGLRLFDTRTGEKRSLDVQGMFYGIGH
TPNSKLVAGQVELDEAGYVKVAHGAATSVPGVFSAGDLHDTEWRQAITAAGSGCMAALSAERYLTANNLVREFKQKDEPA
AHGHAAAAGGNGNGNGHAAAAANGGSEAKATSSIDTPETFDLSADKHKGQYALRKLYHESDRLICVLYTSPTCGPCRTLK
PIFNGVVDEYTGKVHYVEIDIEQDPEIAEAAGVMGTPTVQMFKDKARVEQLSGVKMKKDYRAIIEKYVPAAVSAKLAAAL
EHHHHHH
;
_entity_poly.pdbx_strand_id   A,B
#
loop_
_chem_comp.id
_chem_comp.type
_chem_comp.name
_chem_comp.formula
FAD non-polymer 'FLAVIN-ADENINE DINUCLEOTIDE' 'C27 H33 N9 O15 P2'
P4G non-polymer 1-ETHOXY-2-(2-ETHOXYETHOXY)ETHANE 'C8 H18 O3'
#
# COMPACT_ATOMS: atom_id res chain seq x y z
N MET A 1 22.00 -1.77 -21.32
CA MET A 1 21.07 -0.70 -20.99
C MET A 1 19.85 -1.26 -20.23
N GLU A 2 19.32 -0.50 -19.29
CA GLU A 2 18.48 -1.06 -18.24
C GLU A 2 17.00 -0.91 -18.59
N ASN A 3 16.23 -1.96 -18.25
CA ASN A 3 14.77 -1.93 -18.27
C ASN A 3 14.21 -0.79 -17.44
N VAL A 4 14.56 -0.79 -16.15
CA VAL A 4 14.06 0.17 -15.18
C VAL A 4 15.21 0.54 -14.25
N VAL A 5 15.29 1.81 -13.89
CA VAL A 5 16.18 2.26 -12.82
C VAL A 5 15.31 2.85 -11.71
N ILE A 6 15.54 2.40 -10.48
CA ILE A 6 14.80 2.87 -9.32
C ILE A 6 15.73 3.72 -8.45
N ILE A 7 15.26 4.92 -8.08
CA ILE A 7 16.04 5.87 -7.29
C ILE A 7 15.42 5.92 -5.89
N GLY A 8 16.03 5.23 -4.94
CA GLY A 8 15.53 5.29 -3.57
C GLY A 8 15.40 3.92 -2.94
N SER A 9 15.73 3.80 -1.65
CA SER A 9 15.62 2.52 -0.92
C SER A 9 14.77 2.66 0.36
N GLY A 10 13.71 3.45 0.33
CA GLY A 10 12.70 3.38 1.37
C GLY A 10 11.71 2.26 1.07
N PRO A 11 10.56 2.24 1.78
CA PRO A 11 9.56 1.21 1.46
C PRO A 11 9.12 1.24 0.02
N ALA A 12 9.01 2.43 -0.58
CA ALA A 12 8.46 2.54 -1.92
C ALA A 12 9.47 2.03 -2.95
N GLY A 13 10.73 2.42 -2.82
CA GLY A 13 11.75 1.96 -3.76
C GLY A 13 11.96 0.45 -3.71
N TYR A 14 11.95 -0.13 -2.51
CA TYR A 14 12.20 -1.57 -2.41
C TYR A 14 11.01 -2.39 -2.91
N THR A 15 9.79 -1.95 -2.60
CA THR A 15 8.62 -2.63 -3.11
C THR A 15 8.59 -2.54 -4.62
N ALA A 16 8.97 -1.40 -5.17
CA ALA A 16 9.08 -1.29 -6.62
C ALA A 16 10.12 -2.27 -7.13
N ALA A 17 11.22 -2.41 -6.39
CA ALA A 17 12.27 -3.34 -6.80
C ALA A 17 11.80 -4.78 -6.73
N ILE A 18 11.10 -5.15 -5.65
CA ILE A 18 10.59 -6.51 -5.49
C ILE A 18 9.72 -6.90 -6.69
N TYR A 19 8.73 -6.06 -7.02
CA TYR A 19 7.84 -6.36 -8.14
C TYR A 19 8.58 -6.38 -9.48
N ALA A 20 9.41 -5.36 -9.72
CA ALA A 20 10.17 -5.31 -10.98
C ALA A 20 11.07 -6.53 -11.12
N ALA A 21 11.73 -6.93 -10.03
CA ALA A 21 12.62 -8.09 -10.08
C ALA A 21 11.84 -9.37 -10.38
N ARG A 22 10.71 -9.58 -9.70
CA ARG A 22 9.92 -10.80 -9.94
C ARG A 22 9.32 -10.80 -11.33
N ALA A 23 9.13 -9.63 -11.94
CA ALA A 23 8.78 -9.56 -13.35
C ALA A 23 10.01 -9.66 -14.25
N ASN A 24 11.13 -10.18 -13.73
CA ASN A 24 12.31 -10.52 -14.53
C ASN A 24 12.92 -9.30 -15.24
N LEU A 25 12.75 -8.12 -14.68
CA LEU A 25 13.26 -6.91 -15.28
C LEU A 25 14.67 -6.56 -14.81
N LYS A 26 15.23 -7.31 -13.87
CA LYS A 26 16.57 -7.07 -13.37
C LYS A 26 16.77 -5.58 -13.01
N PRO A 27 15.91 -5.02 -12.17
CA PRO A 27 15.97 -3.58 -11.92
C PRO A 27 17.28 -3.18 -11.26
N VAL A 28 17.77 -1.99 -11.61
CA VAL A 28 18.89 -1.35 -10.91
C VAL A 28 18.33 -0.40 -9.84
N VAL A 29 18.80 -0.55 -8.61
CA VAL A 29 18.39 0.35 -7.52
C VAL A 29 19.60 1.18 -7.06
N PHE A 30 19.48 2.50 -7.20
CA PHE A 30 20.38 3.45 -6.55
C PHE A 30 19.79 3.75 -5.18
N GLU A 31 20.36 3.14 -4.13
CA GLU A 31 19.71 3.16 -2.84
C GLU A 31 19.91 4.45 -2.07
N GLY A 32 20.79 5.34 -2.53
CA GLY A 32 21.22 6.41 -1.67
C GLY A 32 22.39 5.96 -0.79
N PHE A 33 23.31 6.88 -0.53
CA PHE A 33 24.37 6.65 0.47
C PHE A 33 24.38 7.81 1.47
N ARG A 34 24.63 9.01 0.96
CA ARG A 34 24.55 10.20 1.80
C ARG A 34 23.10 10.51 2.10
N ASN A 35 22.18 10.07 1.23
CA ASN A 35 20.76 10.25 1.44
C ASN A 35 20.17 9.18 2.33
N GLY A 36 20.95 8.16 2.72
CA GLY A 36 20.54 7.20 3.72
C GLY A 36 19.91 5.95 3.15
N ARG A 37 20.68 4.86 3.13
CA ARG A 37 20.13 3.62 2.65
C ARG A 37 19.05 3.13 3.60
N GLY A 38 17.91 2.73 3.06
CA GLY A 38 16.82 2.25 3.86
C GLY A 38 15.79 3.29 4.27
N GLY A 39 16.02 4.57 3.99
CA GLY A 39 15.00 5.58 4.11
C GLY A 39 14.74 6.11 5.51
N GLN A 40 13.66 6.90 5.60
CA GLN A 40 13.34 7.60 6.83
C GLN A 40 13.12 6.64 8.00
N LEU A 41 12.57 5.44 7.75
CA LEU A 41 12.30 4.49 8.84
C LEU A 41 13.56 3.99 9.52
N MET A 42 14.74 4.21 8.93
CA MET A 42 16.00 3.86 9.59
C MET A 42 16.17 4.62 10.90
N THR A 43 15.49 5.75 11.06
CA THR A 43 15.65 6.62 12.20
C THR A 43 14.52 6.46 13.24
N THR A 44 13.76 5.36 13.17
CA THR A 44 12.72 5.08 14.16
C THR A 44 12.92 3.67 14.69
N THR A 45 12.48 3.44 15.94
CA THR A 45 12.73 2.19 16.66
C THR A 45 11.52 1.27 16.76
N GLU A 46 10.31 1.76 16.48
CA GLU A 46 9.09 1.00 16.72
C GLU A 46 8.13 1.38 15.61
N VAL A 47 7.81 0.41 14.76
CA VAL A 47 6.82 0.52 13.72
C VAL A 47 5.70 -0.43 14.11
N GLU A 48 4.54 0.12 14.45
CA GLU A 48 3.41 -0.67 14.95
C GLU A 48 2.24 -0.76 13.97
N ASN A 49 2.22 0.05 12.92
CA ASN A 49 1.10 0.16 12.00
C ASN A 49 1.42 -0.37 10.61
N PHE A 50 2.49 -1.15 10.46
CA PHE A 50 2.77 -1.77 9.17
C PHE A 50 2.17 -3.17 9.18
N PRO A 51 1.17 -3.45 8.34
CA PRO A 51 0.38 -4.67 8.55
C PRO A 51 1.24 -5.91 8.35
N GLY A 52 1.12 -6.85 9.28
CA GLY A 52 1.90 -8.07 9.25
C GLY A 52 2.86 -8.25 10.41
N PHE A 53 3.03 -7.26 11.29
CA PHE A 53 3.95 -7.34 12.41
C PHE A 53 3.23 -7.01 13.71
N PRO A 54 2.39 -7.93 14.20
CA PRO A 54 1.58 -7.66 15.39
C PRO A 54 2.38 -7.43 16.66
N GLU A 55 3.66 -7.79 16.71
CA GLU A 55 4.48 -7.50 17.88
C GLU A 55 5.32 -6.22 17.70
N GLY A 56 5.11 -5.47 16.63
CA GLY A 56 5.99 -4.39 16.27
C GLY A 56 7.24 -4.88 15.57
N ILE A 57 7.95 -3.94 14.92
CA ILE A 57 9.25 -4.24 14.31
C ILE A 57 10.04 -2.93 14.24
N THR A 58 11.33 -3.00 14.53
CA THR A 58 12.09 -1.75 14.39
C THR A 58 12.21 -1.37 12.92
N GLY A 59 12.44 -0.08 12.69
CA GLY A 59 12.58 0.45 11.35
C GLY A 59 13.73 -0.22 10.61
N PRO A 60 14.92 -0.24 11.22
CA PRO A 60 16.04 -0.95 10.58
C PRO A 60 15.73 -2.41 10.25
N ASP A 61 15.06 -3.16 11.14
CA ASP A 61 14.76 -4.57 10.87
C ASP A 61 13.78 -4.73 9.72
N LEU A 62 12.76 -3.88 9.64
CA LEU A 62 11.83 -3.97 8.52
C LEU A 62 12.52 -3.64 7.20
N MET A 63 13.41 -2.65 7.19
CA MET A 63 14.05 -2.29 5.94
C MET A 63 15.13 -3.28 5.53
N ASP A 64 15.82 -3.87 6.51
CA ASP A 64 16.76 -4.94 6.18
C ASP A 64 16.01 -6.11 5.54
N ARG A 65 14.78 -6.40 6.01
CA ARG A 65 13.96 -7.44 5.39
C ARG A 65 13.62 -7.10 3.94
N MET A 66 13.16 -5.87 3.72
CA MET A 66 12.79 -5.44 2.37
C MET A 66 13.99 -5.52 1.42
N ARG A 67 15.16 -5.05 1.88
CA ARG A 67 16.34 -5.06 1.01
C ARG A 67 16.67 -6.47 0.57
N LYS A 68 16.69 -7.42 1.50
CA LYS A 68 16.93 -8.80 1.16
C LYS A 68 15.90 -9.32 0.16
N GLN A 69 14.64 -8.91 0.31
CA GLN A 69 13.59 -9.39 -0.58
C GLN A 69 13.77 -8.85 -1.98
N ALA A 70 14.20 -7.59 -2.08
CA ALA A 70 14.55 -7.00 -3.36
C ALA A 70 15.66 -7.78 -4.04
N GLU A 71 16.67 -8.20 -3.27
CA GLU A 71 17.78 -8.90 -3.86
C GLU A 71 17.42 -10.33 -4.22
N ARG A 72 16.63 -11.00 -3.38
CA ARG A 72 16.33 -12.41 -3.63
C ARG A 72 15.80 -12.61 -5.04
N TRP A 73 14.99 -11.69 -5.52
CA TRP A 73 14.29 -11.87 -6.79
C TRP A 73 15.01 -11.26 -8.00
N GLY A 74 16.21 -10.71 -7.82
CA GLY A 74 17.02 -10.27 -8.93
C GLY A 74 17.40 -8.79 -8.98
N SER A 75 17.15 -8.04 -7.91
CA SER A 75 17.46 -6.63 -7.91
C SER A 75 18.97 -6.40 -7.87
N GLU A 76 19.42 -5.40 -8.63
CA GLU A 76 20.81 -4.97 -8.68
C GLU A 76 20.94 -3.72 -7.82
N LEU A 77 21.52 -3.84 -6.63
CA LEU A 77 21.47 -2.78 -5.63
C LEU A 77 22.78 -2.02 -5.57
N TYR A 78 22.73 -0.70 -5.75
CA TYR A 78 23.91 0.14 -5.57
C TYR A 78 23.66 1.13 -4.43
N THR A 79 24.48 1.05 -3.40
CA THR A 79 24.46 2.03 -2.32
C THR A 79 25.16 3.31 -2.78
N GLU A 80 24.46 4.07 -3.62
CA GLU A 80 25.03 5.24 -4.25
C GLU A 80 23.98 6.33 -4.36
N ASP A 81 24.44 7.57 -4.23
CA ASP A 81 23.62 8.75 -4.50
C ASP A 81 23.59 9.06 -5.99
N VAL A 82 22.39 9.19 -6.53
CA VAL A 82 22.24 9.65 -7.89
C VAL A 82 22.49 11.15 -7.92
N GLU A 83 23.33 11.58 -8.85
CA GLU A 83 23.68 12.98 -8.95
C GLU A 83 22.97 13.69 -10.08
N GLN A 84 22.42 12.95 -11.04
CA GLN A 84 21.86 13.57 -12.24
C GLN A 84 20.87 12.62 -12.86
N VAL A 85 19.78 13.17 -13.40
CA VAL A 85 18.80 12.40 -14.15
C VAL A 85 18.44 13.22 -15.37
N ASP A 86 18.74 12.71 -16.56
CA ASP A 86 18.43 13.41 -17.79
C ASP A 86 17.26 12.71 -18.47
N LEU A 87 16.09 13.33 -18.41
CA LEU A 87 14.86 12.82 -19.00
C LEU A 87 14.58 13.44 -20.36
N SER A 88 15.51 14.26 -20.88
CA SER A 88 15.37 14.88 -22.19
C SER A 88 15.90 14.01 -23.33
N VAL A 89 16.42 12.82 -23.02
CA VAL A 89 16.86 11.85 -24.02
C VAL A 89 16.25 10.50 -23.68
N ARG A 90 16.14 9.65 -24.71
CA ARG A 90 15.56 8.30 -24.58
C ARG A 90 16.48 7.30 -25.26
N PRO A 91 16.99 6.28 -24.55
CA PRO A 91 16.65 6.00 -23.15
C PRO A 91 17.20 7.09 -22.21
N PHE A 92 16.64 7.16 -21.01
CA PHE A 92 17.05 8.16 -20.03
C PHE A 92 18.44 7.85 -19.50
N VAL A 93 19.13 8.88 -19.03
CA VAL A 93 20.46 8.77 -18.43
C VAL A 93 20.32 9.03 -16.93
N ILE A 94 20.90 8.13 -16.12
CA ILE A 94 20.95 8.32 -14.66
C ILE A 94 22.41 8.19 -14.22
N ARG A 95 22.92 9.25 -13.57
CA ARG A 95 24.33 9.33 -13.18
C ARG A 95 24.44 9.37 -11.65
N SER A 96 25.16 8.40 -11.10
CA SER A 96 25.68 8.39 -9.74
C SER A 96 27.16 8.77 -9.77
N SER A 97 27.78 8.87 -8.59
CA SER A 97 29.21 9.22 -8.57
C SER A 97 30.07 8.15 -9.24
N ASP A 98 29.59 6.91 -9.28
CA ASP A 98 30.36 5.77 -9.73
C ASP A 98 30.05 5.32 -11.15
N ARG A 99 28.97 5.78 -11.76
CA ARG A 99 28.54 5.13 -12.99
C ARG A 99 27.40 5.92 -13.63
N GLU A 100 27.25 5.70 -14.94
CA GLU A 100 26.21 6.31 -15.75
C GLU A 100 25.47 5.23 -16.53
N LEU A 101 24.16 5.17 -16.35
CA LEU A 101 23.32 4.14 -16.96
C LEU A 101 22.25 4.79 -17.83
N ARG A 102 21.90 4.11 -18.91
CA ARG A 102 20.70 4.39 -19.68
C ARG A 102 19.61 3.43 -19.23
N ALA A 103 18.34 3.88 -19.32
CA ALA A 103 17.21 3.05 -18.91
C ALA A 103 15.94 3.45 -19.66
N HIS A 104 15.14 2.44 -20.01
CA HIS A 104 13.88 2.73 -20.71
C HIS A 104 12.84 3.34 -19.79
N SER A 105 12.90 3.04 -18.50
CA SER A 105 11.97 3.60 -17.52
C SER A 105 12.70 3.90 -16.22
N VAL A 106 12.17 4.89 -15.50
CA VAL A 106 12.74 5.34 -14.26
C VAL A 106 11.62 5.39 -13.23
N ILE A 107 11.92 4.94 -12.02
CA ILE A 107 11.00 5.03 -10.91
C ILE A 107 11.73 5.87 -9.87
N ILE A 108 11.23 7.07 -9.60
CA ILE A 108 11.87 7.94 -8.63
C ILE A 108 11.05 7.90 -7.35
N ALA A 109 11.69 7.42 -6.28
CA ALA A 109 11.09 7.18 -4.98
C ALA A 109 11.96 7.79 -3.89
N THR A 110 12.18 9.09 -3.97
CA THR A 110 13.19 9.75 -3.13
C THR A 110 12.62 10.32 -1.84
N GLY A 111 11.32 10.14 -1.57
CA GLY A 111 10.77 10.51 -0.29
C GLY A 111 10.48 11.99 -0.11
N ALA A 112 10.01 12.31 1.10
CA ALA A 112 9.73 13.67 1.54
C ALA A 112 10.13 13.73 3.02
N THR A 113 11.31 14.28 3.29
CA THR A 113 11.86 14.25 4.64
C THR A 113 11.13 15.21 5.58
N ALA A 114 10.75 14.71 6.75
CA ALA A 114 10.06 15.51 7.75
C ALA A 114 11.05 16.45 8.43
N LYS A 115 10.80 17.76 8.36
CA LYS A 115 11.73 18.75 8.91
C LYS A 115 11.98 18.51 10.39
N ARG A 116 13.25 18.59 10.79
CA ARG A 116 13.67 18.53 12.17
C ARG A 116 14.17 19.91 12.62
N LEU A 117 14.27 20.10 13.93
CA LEU A 117 14.73 21.38 14.47
C LEU A 117 16.24 21.48 14.55
N GLY A 118 16.94 20.36 14.72
CA GLY A 118 18.39 20.39 14.90
C GLY A 118 18.85 20.88 16.25
N LEU A 119 18.15 20.49 17.32
CA LEU A 119 18.51 20.90 18.66
C LEU A 119 19.76 20.16 19.12
N PRO A 120 20.62 20.80 19.92
CA PRO A 120 21.83 20.12 20.42
C PRO A 120 21.63 18.66 20.84
N SER A 121 20.63 18.36 21.67
CA SER A 121 20.40 17.01 22.17
C SER A 121 19.41 16.20 21.30
N GLU A 122 19.02 16.71 20.14
CA GLU A 122 17.96 16.08 19.38
C GLU A 122 18.24 14.61 19.11
N ASN A 123 19.46 14.29 18.68
CA ASN A 123 19.80 12.91 18.36
C ASN A 123 19.65 12.00 19.57
N THR A 124 19.93 12.52 20.75
CA THR A 124 19.81 11.73 21.97
C THR A 124 18.38 11.25 22.19
N PHE A 125 17.41 12.15 22.12
CA PHE A 125 16.05 11.80 22.48
C PHE A 125 15.17 11.49 21.27
N TRP A 126 15.73 11.57 20.08
CA TRP A 126 14.98 11.23 18.88
C TRP A 126 14.54 9.79 18.94
N SER A 127 13.23 9.56 18.72
CA SER A 127 12.63 8.24 18.77
C SER A 127 12.60 7.68 20.19
N ARG A 128 13.05 8.43 21.18
CA ARG A 128 12.88 8.13 22.59
C ARG A 128 12.27 9.34 23.28
N GLY A 129 11.30 9.95 22.63
CA GLY A 129 10.67 11.13 23.17
C GLY A 129 10.32 12.16 22.12
N ILE A 130 11.10 12.23 21.03
CA ILE A 130 10.83 13.17 19.94
C ILE A 130 10.46 12.40 18.68
N SER A 131 9.40 12.84 18.01
CA SER A 131 9.00 12.30 16.71
C SER A 131 8.48 13.43 15.83
N ALA A 132 8.35 13.11 14.54
CA ALA A 132 7.72 14.00 13.59
C ALA A 132 6.34 13.50 13.13
N CYS A 133 5.94 12.29 13.51
CA CYS A 133 4.72 11.67 12.98
C CYS A 133 3.75 11.34 14.10
N ALA A 134 2.65 12.09 14.17
CA ALA A 134 1.68 11.83 15.24
C ALA A 134 0.89 10.56 14.95
N ILE A 135 0.51 10.36 13.69
CA ILE A 135 -0.25 9.17 13.31
C ILE A 135 0.49 7.90 13.72
N SER A 136 1.82 7.90 13.58
CA SER A 136 2.61 6.70 13.82
C SER A 136 3.00 6.53 15.30
N ASP A 137 3.46 7.59 15.94
CA ASP A 137 4.04 7.46 17.28
C ASP A 137 3.09 7.92 18.39
N GLY A 138 2.03 8.67 18.08
CA GLY A 138 1.16 9.20 19.12
C GLY A 138 0.63 8.13 20.05
N ALA A 139 0.36 6.94 19.53
CA ALA A 139 -0.16 5.82 20.34
C ALA A 139 0.93 5.14 21.16
N SER A 140 2.16 5.66 21.14
CA SER A 140 3.29 5.01 21.79
C SER A 140 3.10 5.03 23.30
N PRO A 141 3.66 4.03 24.00
CA PRO A 141 3.52 4.03 25.48
C PRO A 141 4.16 5.24 26.11
N LEU A 142 5.17 5.80 25.45
CA LEU A 142 5.88 6.94 26.00
C LEU A 142 4.95 8.13 26.25
N PHE A 143 3.92 8.29 25.44
CA PHE A 143 3.04 9.46 25.54
C PHE A 143 1.68 9.18 26.18
N LYS A 144 1.46 7.99 26.76
CA LYS A 144 0.12 7.70 27.26
C LYS A 144 -0.11 8.54 28.51
N ASN A 145 -1.07 9.45 28.41
CA ASN A 145 -1.55 10.23 29.55
C ASN A 145 -0.43 11.09 30.11
N ALA A 146 0.46 11.53 29.23
CA ALA A 146 1.64 12.29 29.57
C ALA A 146 1.48 13.69 28.98
N GLU A 147 2.36 14.61 29.37
CA GLU A 147 2.34 15.95 28.81
C GLU A 147 3.26 15.99 27.62
N VAL A 148 2.75 16.47 26.49
CA VAL A 148 3.54 16.49 25.25
C VAL A 148 3.50 17.88 24.63
N ALA A 149 4.64 18.26 24.04
CA ALA A 149 4.75 19.48 23.26
C ALA A 149 4.60 19.18 21.79
N VAL A 150 3.95 20.08 21.07
CA VAL A 150 3.87 20.04 19.61
C VAL A 150 4.45 21.34 19.08
N VAL A 151 5.41 21.25 18.17
CA VAL A 151 6.15 22.40 17.68
C VAL A 151 5.62 22.81 16.31
N GLY A 152 5.37 24.09 16.14
CA GLY A 152 4.85 24.65 14.91
C GLY A 152 3.68 25.57 15.17
N GLY A 153 3.21 26.21 14.09
CA GLY A 153 2.10 27.15 14.18
C GLY A 153 1.15 27.15 12.99
N GLY A 154 1.43 26.29 12.02
CA GLY A 154 0.61 26.18 10.83
C GLY A 154 -0.42 25.08 10.98
N ASP A 155 -1.06 24.76 9.85
CA ASP A 155 -2.08 23.73 9.88
C ASP A 155 -1.52 22.39 10.31
N SER A 156 -0.32 22.03 9.84
CA SER A 156 0.24 20.75 10.22
C SER A 156 0.36 20.64 11.75
N ALA A 157 0.94 21.65 12.39
CA ALA A 157 1.14 21.59 13.84
C ALA A 157 -0.20 21.59 14.60
N THR A 158 -1.15 22.43 14.18
CA THR A 158 -2.43 22.46 14.88
C THR A 158 -3.19 21.13 14.74
N GLU A 159 -3.18 20.52 13.54
CA GLU A 159 -3.82 19.22 13.40
C GLU A 159 -3.14 18.18 14.28
N GLU A 160 -1.80 18.19 14.31
CA GLU A 160 -1.08 17.23 15.15
C GLU A 160 -1.38 17.45 16.63
N ALA A 161 -1.43 18.71 17.08
CA ALA A 161 -1.75 18.98 18.48
C ALA A 161 -3.13 18.42 18.84
N VAL A 162 -4.13 18.64 17.99
CA VAL A 162 -5.43 18.02 18.22
C VAL A 162 -5.31 16.51 18.19
N TYR A 163 -4.53 15.97 17.24
CA TYR A 163 -4.41 14.52 17.14
C TYR A 163 -3.81 13.91 18.40
N VAL A 164 -2.78 14.54 18.99
CA VAL A 164 -2.17 13.88 20.15
C VAL A 164 -2.98 14.04 21.43
N THR A 165 -4.01 14.88 21.46
CA THR A 165 -4.90 14.84 22.62
C THR A 165 -5.66 13.52 22.71
N LYS A 166 -5.62 12.69 21.65
CA LYS A 166 -6.20 11.35 21.73
C LYS A 166 -5.50 10.50 22.81
N TYR A 167 -4.21 10.75 23.06
CA TYR A 167 -3.40 9.92 23.95
C TYR A 167 -2.78 10.65 25.13
N ALA A 168 -2.42 11.92 24.98
CA ALA A 168 -1.74 12.68 26.01
C ALA A 168 -2.75 13.30 26.99
N LYS A 169 -2.31 13.46 28.24
CA LYS A 169 -3.13 14.21 29.20
C LYS A 169 -3.26 15.66 28.80
N HIS A 170 -2.17 16.29 28.36
CA HIS A 170 -2.20 17.70 28.00
C HIS A 170 -1.16 17.96 26.92
N VAL A 171 -1.46 18.94 26.05
CA VAL A 171 -0.63 19.22 24.89
C VAL A 171 -0.25 20.70 24.90
N HIS A 172 1.07 20.98 24.82
CA HIS A 172 1.60 22.34 24.77
C HIS A 172 2.02 22.67 23.34
N LEU A 173 1.22 23.51 22.66
CA LEU A 173 1.54 23.95 21.31
C LEU A 173 2.50 25.13 21.42
N LEU A 174 3.75 24.92 20.97
CA LEU A 174 4.81 25.92 21.01
C LEU A 174 4.89 26.63 19.67
N VAL A 175 4.54 27.92 19.65
CA VAL A 175 4.49 28.74 18.45
C VAL A 175 5.57 29.81 18.54
N ARG A 176 6.50 29.82 17.57
CA ARG A 176 7.61 30.77 17.63
C ARG A 176 7.16 32.21 17.43
N GLY A 177 6.07 32.43 16.70
CA GLY A 177 5.65 33.77 16.36
C GLY A 177 4.56 34.32 17.28
N GLU A 178 4.16 35.56 16.98
CA GLU A 178 3.10 36.21 17.74
C GLU A 178 1.77 35.50 17.59
N ARG A 179 1.53 34.88 16.44
CA ARG A 179 0.24 34.28 16.13
C ARG A 179 0.44 32.93 15.47
N MET A 180 -0.58 32.09 15.61
CA MET A 180 -0.68 30.90 14.78
C MET A 180 -0.95 31.32 13.35
N ARG A 181 -0.45 30.52 12.41
CA ARG A 181 -0.65 30.78 11.00
C ARG A 181 -1.67 29.85 10.35
N ALA A 182 -2.22 28.89 11.11
CA ALA A 182 -3.19 27.96 10.54
C ALA A 182 -4.48 28.70 10.18
N SER A 183 -5.41 27.97 9.56
CA SER A 183 -6.71 28.54 9.24
C SER A 183 -7.48 28.88 10.52
N LYS A 184 -8.48 29.76 10.37
CA LYS A 184 -9.30 30.12 11.53
C LYS A 184 -9.97 28.89 12.12
N ALA A 185 -10.41 27.96 11.26
CA ALA A 185 -11.02 26.72 11.73
C ALA A 185 -10.05 25.92 12.60
N MET A 186 -8.79 25.80 12.15
CA MET A 186 -7.79 25.05 12.90
C MET A 186 -7.51 25.71 14.24
N GLN A 187 -7.36 27.03 14.24
CA GLN A 187 -7.14 27.75 15.49
C GLN A 187 -8.33 27.60 16.43
N ASP A 188 -9.53 27.56 15.87
CA ASP A 188 -10.72 27.38 16.68
C ASP A 188 -10.72 26.02 17.39
N ARG A 189 -10.46 24.95 16.63
CA ARG A 189 -10.28 23.64 17.24
C ARG A 189 -9.31 23.73 18.42
N VAL A 190 -8.18 24.40 18.21
CA VAL A 190 -7.11 24.43 19.21
C VAL A 190 -7.54 25.23 20.43
N LEU A 191 -8.11 26.42 20.23
CA LEU A 191 -8.43 27.28 21.36
C LEU A 191 -9.69 26.82 22.09
N ALA A 192 -10.52 26.01 21.44
CA ALA A 192 -11.71 25.44 22.08
C ALA A 192 -11.45 24.08 22.70
N ASN A 193 -10.20 23.59 22.64
CA ASN A 193 -9.87 22.29 23.19
C ASN A 193 -9.15 22.49 24.52
N PRO A 194 -9.76 22.11 25.65
CA PRO A 194 -9.16 22.44 26.97
C PRO A 194 -7.89 21.65 27.28
N ARG A 195 -7.52 20.67 26.47
CA ARG A 195 -6.30 19.91 26.69
C ARG A 195 -5.09 20.52 25.98
N ILE A 196 -5.25 21.62 25.26
CA ILE A 196 -4.14 22.28 24.59
C ILE A 196 -3.92 23.66 25.20
N THR A 197 -2.67 23.94 25.60
CA THR A 197 -2.18 25.28 25.93
C THR A 197 -1.30 25.78 24.79
N VAL A 198 -1.58 26.97 24.28
CA VAL A 198 -0.79 27.54 23.21
C VAL A 198 0.21 28.52 23.82
N HIS A 199 1.52 28.30 23.59
CA HIS A 199 2.56 29.25 23.99
C HIS A 199 3.00 29.99 22.74
N PHE A 200 2.75 31.30 22.72
CA PHE A 200 3.23 32.14 21.64
C PHE A 200 4.62 32.66 21.94
N ASN A 201 5.28 33.20 20.91
CA ASN A 201 6.60 33.81 21.04
C ASN A 201 7.54 32.90 21.82
N THR A 202 7.43 31.60 21.55
CA THR A 202 8.18 30.61 22.30
C THR A 202 9.06 29.84 21.32
N GLY A 203 10.37 29.81 21.60
CA GLY A 203 11.30 29.01 20.84
C GLY A 203 11.96 27.99 21.73
N ILE A 204 12.58 26.97 21.14
CA ILE A 204 13.18 25.86 21.88
C ILE A 204 14.69 25.99 21.78
N GLU A 205 15.34 26.00 22.94
CA GLU A 205 16.80 26.00 23.00
C GLU A 205 17.38 24.59 23.00
N ASP A 206 16.75 23.64 23.68
CA ASP A 206 17.22 22.27 23.69
C ASP A 206 16.17 21.39 24.36
N ALA A 207 16.43 20.10 24.32
CA ALA A 207 15.69 19.09 25.07
C ALA A 207 16.60 18.49 26.12
N PHE A 208 16.01 18.06 27.23
CA PHE A 208 16.81 17.42 28.26
C PHE A 208 16.10 16.17 28.76
N GLY A 209 16.86 15.34 29.45
CA GLY A 209 16.33 14.17 30.08
C GLY A 209 17.44 13.18 30.39
N GLY A 210 17.03 12.01 30.84
CA GLY A 210 17.92 10.88 30.95
C GLY A 210 17.79 9.97 29.74
N GLU A 211 17.31 8.75 29.98
CA GLU A 211 17.17 7.81 28.89
C GLU A 211 16.02 8.17 27.97
N VAL A 212 15.03 8.94 28.48
CA VAL A 212 13.89 9.40 27.70
C VAL A 212 13.69 10.89 27.96
N LEU A 213 12.98 11.54 27.04
CA LEU A 213 12.78 12.97 27.11
C LEU A 213 12.09 13.35 28.41
N GLN A 214 12.61 14.38 29.10
CA GLN A 214 12.07 14.84 30.37
C GLN A 214 11.61 16.29 30.40
N GLY A 215 12.03 17.12 29.44
CA GLY A 215 11.58 18.50 29.43
C GLY A 215 12.21 19.23 28.26
N LEU A 216 11.97 20.53 28.23
CA LEU A 216 12.48 21.40 27.18
C LEU A 216 13.03 22.67 27.80
N ARG A 217 14.14 23.16 27.26
CA ARG A 217 14.59 24.53 27.53
C ARG A 217 13.92 25.44 26.52
N LEU A 218 13.13 26.40 27.00
CA LEU A 218 12.49 27.36 26.12
C LEU A 218 13.08 28.74 26.33
N PHE A 219 12.77 29.62 25.39
CA PHE A 219 13.04 31.03 25.55
C PHE A 219 11.90 31.82 24.91
N ASP A 220 11.66 33.01 25.43
CA ASP A 220 10.74 33.94 24.79
C ASP A 220 11.42 34.57 23.59
N THR A 221 10.77 34.52 22.44
CA THR A 221 11.33 35.11 21.23
C THR A 221 11.24 36.62 21.19
N ARG A 222 10.77 37.28 22.27
CA ARG A 222 10.81 38.73 22.40
C ARG A 222 11.89 39.18 23.37
N THR A 223 11.86 38.67 24.60
CA THR A 223 12.81 39.10 25.64
C THR A 223 14.05 38.21 25.74
N GLY A 224 14.04 37.02 25.15
CA GLY A 224 15.10 36.05 25.36
C GLY A 224 15.04 35.33 26.69
N GLU A 225 14.06 35.66 27.53
CA GLU A 225 13.92 35.02 28.83
C GLU A 225 13.80 33.51 28.71
N LYS A 226 14.54 32.80 29.56
CA LYS A 226 14.51 31.35 29.56
C LYS A 226 13.46 30.81 30.54
N ARG A 227 13.00 29.59 30.27
CA ARG A 227 11.89 28.97 30.97
C ARG A 227 12.00 27.48 30.68
N SER A 228 11.79 26.65 31.70
CA SER A 228 11.82 25.20 31.50
C SER A 228 10.41 24.63 31.50
N LEU A 229 10.16 23.73 30.55
CA LEU A 229 8.87 23.07 30.38
C LEU A 229 9.07 21.56 30.52
N ASP A 230 8.37 20.96 31.48
CA ASP A 230 8.42 19.53 31.67
C ASP A 230 7.46 18.84 30.70
N VAL A 231 7.99 17.92 29.91
CA VAL A 231 7.21 17.15 28.94
C VAL A 231 7.93 15.83 28.72
N GLN A 232 7.16 14.78 28.41
CA GLN A 232 7.74 13.48 28.10
C GLN A 232 7.66 13.11 26.62
N GLY A 233 7.01 13.93 25.79
CA GLY A 233 7.06 13.78 24.35
C GLY A 233 7.06 15.14 23.68
N MET A 234 7.64 15.20 22.47
CA MET A 234 7.61 16.38 21.62
C MET A 234 7.44 15.96 20.15
N PHE A 235 6.43 16.51 19.47
CA PHE A 235 6.18 16.21 18.06
C PHE A 235 6.48 17.45 17.22
N TYR A 236 7.26 17.27 16.14
CA TYR A 236 7.53 18.35 15.22
C TYR A 236 6.39 18.46 14.22
N GLY A 237 5.88 19.68 14.02
CA GLY A 237 4.82 19.93 13.07
C GLY A 237 5.23 21.00 12.09
N ILE A 238 6.48 20.95 11.64
CA ILE A 238 7.02 22.05 10.84
C ILE A 238 7.20 21.63 9.39
N GLY A 239 6.39 20.70 8.92
CA GLY A 239 6.28 20.52 7.50
C GLY A 239 7.22 19.50 6.91
N HIS A 240 7.22 19.45 5.58
CA HIS A 240 7.91 18.39 4.87
C HIS A 240 8.61 18.95 3.65
N THR A 241 9.69 18.28 3.25
CA THR A 241 10.46 18.61 2.05
C THR A 241 10.41 17.43 1.09
N PRO A 242 9.62 17.51 0.02
CA PRO A 242 9.72 16.46 -1.01
C PRO A 242 11.05 16.57 -1.72
N ASN A 243 11.69 15.41 -1.94
CA ASN A 243 13.05 15.33 -2.48
C ASN A 243 13.01 15.21 -4.01
N SER A 244 12.54 16.27 -4.65
CA SER A 244 12.40 16.29 -6.10
C SER A 244 13.53 17.06 -6.81
N LYS A 245 14.63 17.38 -6.12
CA LYS A 245 15.65 18.21 -6.76
C LYS A 245 16.14 17.60 -8.06
N LEU A 246 16.19 16.26 -8.15
CA LEU A 246 16.74 15.61 -9.34
C LEU A 246 15.86 15.77 -10.58
N VAL A 247 14.54 15.89 -10.41
CA VAL A 247 13.63 15.99 -11.55
C VAL A 247 12.99 17.36 -11.64
N ALA A 248 13.41 18.30 -10.80
CA ALA A 248 12.94 19.68 -10.90
C ALA A 248 13.22 20.22 -12.29
N GLY A 249 12.22 20.88 -12.87
CA GLY A 249 12.33 21.38 -14.22
C GLY A 249 12.01 20.36 -15.29
N GLN A 250 12.01 19.07 -14.96
CA GLN A 250 11.82 18.00 -15.93
C GLN A 250 10.48 17.28 -15.82
N VAL A 251 9.98 17.03 -14.62
CA VAL A 251 8.63 16.53 -14.47
C VAL A 251 7.83 17.56 -13.72
N GLU A 252 6.53 17.59 -13.98
CA GLU A 252 5.65 18.55 -13.34
C GLU A 252 5.62 18.34 -11.83
N LEU A 253 5.78 19.42 -11.08
CA LEU A 253 5.65 19.42 -9.63
C LEU A 253 4.60 20.44 -9.22
N ASP A 254 4.07 20.28 -8.01
CA ASP A 254 3.14 21.28 -7.49
C ASP A 254 3.95 22.40 -6.81
N GLU A 255 3.24 23.37 -6.23
CA GLU A 255 3.93 24.55 -5.70
C GLU A 255 4.86 24.20 -4.53
N ALA A 256 4.51 23.19 -3.74
CA ALA A 256 5.34 22.78 -2.61
C ALA A 256 6.50 21.89 -3.01
N GLY A 257 6.57 21.46 -4.27
CA GLY A 257 7.64 20.60 -4.76
C GLY A 257 7.31 19.14 -4.90
N TYR A 258 6.07 18.71 -4.64
CA TYR A 258 5.73 17.31 -4.84
C TYR A 258 5.59 16.99 -6.32
N VAL A 259 5.94 15.75 -6.68
CA VAL A 259 5.74 15.28 -8.04
C VAL A 259 4.24 15.09 -8.30
N LYS A 260 3.75 15.66 -9.40
CA LYS A 260 2.37 15.41 -9.83
C LYS A 260 2.29 14.03 -10.47
N VAL A 261 1.29 13.25 -10.07
CA VAL A 261 1.09 11.92 -10.64
C VAL A 261 -0.37 11.75 -11.05
N ALA A 262 -0.58 10.87 -12.01
CA ALA A 262 -1.91 10.37 -12.37
C ALA A 262 -1.81 8.87 -12.60
N HIS A 263 -2.98 8.21 -12.58
CA HIS A 263 -3.04 6.76 -12.81
C HIS A 263 -2.15 6.01 -11.82
N GLY A 264 -2.14 6.44 -10.57
CA GLY A 264 -1.35 5.76 -9.58
C GLY A 264 0.07 6.26 -9.46
N ALA A 265 0.85 6.13 -10.54
CA ALA A 265 2.27 6.42 -10.47
C ALA A 265 2.83 7.16 -11.68
N ALA A 266 2.02 7.49 -12.68
CA ALA A 266 2.55 8.13 -13.87
C ALA A 266 2.81 9.60 -13.65
N THR A 267 4.04 10.05 -13.97
CA THR A 267 4.38 11.46 -13.98
C THR A 267 4.06 12.06 -15.35
N SER A 268 4.40 13.34 -15.51
CA SER A 268 4.16 14.01 -16.77
C SER A 268 5.08 13.54 -17.91
N VAL A 269 6.14 12.79 -17.62
CA VAL A 269 7.04 12.32 -18.66
C VAL A 269 6.80 10.83 -18.86
N PRO A 270 6.30 10.41 -20.02
CA PRO A 270 6.05 8.97 -20.23
C PRO A 270 7.30 8.16 -19.98
N GLY A 271 7.15 7.05 -19.27
CA GLY A 271 8.26 6.24 -18.84
C GLY A 271 8.80 6.58 -17.47
N VAL A 272 8.48 7.75 -16.92
CA VAL A 272 8.96 8.13 -15.60
C VAL A 272 7.81 7.97 -14.61
N PHE A 273 8.04 7.21 -13.55
CA PHE A 273 7.02 6.94 -12.56
C PHE A 273 7.55 7.33 -11.19
N SER A 274 6.64 7.82 -10.36
CA SER A 274 6.95 8.19 -9.00
C SER A 274 6.24 7.26 -8.03
N ALA A 275 6.93 6.92 -6.94
CA ALA A 275 6.42 6.09 -5.88
C ALA A 275 6.78 6.71 -4.53
N GLY A 276 5.82 6.70 -3.60
CA GLY A 276 6.08 6.99 -2.19
C GLY A 276 5.74 8.39 -1.74
N ASP A 277 6.30 8.75 -0.59
CA ASP A 277 6.09 10.08 -0.01
C ASP A 277 6.45 11.21 -0.98
N LEU A 278 7.28 10.92 -1.99
CA LEU A 278 7.70 11.97 -2.93
C LEU A 278 6.51 12.64 -3.61
N HIS A 279 5.40 11.93 -3.75
CA HIS A 279 4.24 12.54 -4.39
C HIS A 279 3.01 12.58 -3.50
N ASP A 280 3.06 12.03 -2.29
CA ASP A 280 1.87 11.86 -1.46
C ASP A 280 1.79 12.95 -0.40
N THR A 281 0.85 13.87 -0.58
CA THR A 281 0.62 14.91 0.41
C THR A 281 -0.44 14.55 1.46
N GLU A 282 -1.09 13.38 1.34
CA GLU A 282 -2.22 12.96 2.18
C GLU A 282 -1.83 11.98 3.29
N TRP A 283 -1.11 10.91 2.96
CA TRP A 283 -0.96 9.81 3.89
C TRP A 283 0.41 9.72 4.53
N ARG A 284 1.48 9.67 3.73
CA ARG A 284 2.84 9.69 4.26
C ARG A 284 3.08 8.54 5.24
N GLN A 285 2.66 7.34 4.85
CA GLN A 285 2.87 6.14 5.66
C GLN A 285 3.72 5.13 4.91
N ALA A 286 4.40 4.24 5.66
CA ALA A 286 5.19 3.19 5.06
C ALA A 286 4.31 2.25 4.24
N ILE A 287 3.13 1.88 4.76
CA ILE A 287 2.30 0.93 4.03
C ILE A 287 1.84 1.55 2.71
N THR A 288 1.45 2.81 2.71
CA THR A 288 1.00 3.42 1.45
C THR A 288 2.17 3.64 0.49
N ALA A 289 3.35 4.02 1.01
CA ALA A 289 4.51 4.14 0.13
C ALA A 289 4.84 2.79 -0.52
N ALA A 290 4.80 1.71 0.27
CA ALA A 290 4.95 0.37 -0.30
C ALA A 290 3.91 0.10 -1.37
N GLY A 291 2.65 0.41 -1.10
CA GLY A 291 1.61 0.22 -2.10
C GLY A 291 1.90 1.02 -3.36
N SER A 292 2.47 2.21 -3.18
CA SER A 292 2.79 3.07 -4.32
C SER A 292 3.98 2.51 -5.11
N GLY A 293 4.90 1.82 -4.43
CA GLY A 293 6.02 1.23 -5.14
C GLY A 293 5.58 0.13 -6.06
N CYS A 294 4.67 -0.73 -5.58
CA CYS A 294 4.06 -1.75 -6.45
C CYS A 294 3.40 -1.12 -7.66
N MET A 295 2.55 -0.11 -7.44
CA MET A 295 1.91 0.52 -8.60
C MET A 295 2.95 1.00 -9.62
N ALA A 296 4.02 1.63 -9.13
CA ALA A 296 5.04 2.16 -10.04
C ALA A 296 5.73 1.05 -10.80
N ALA A 297 6.07 -0.05 -10.12
CA ALA A 297 6.66 -1.19 -10.80
C ALA A 297 5.72 -1.81 -11.82
N LEU A 298 4.46 -2.08 -11.43
CA LEU A 298 3.51 -2.66 -12.37
C LEU A 298 3.28 -1.74 -13.56
N SER A 299 3.31 -0.43 -13.32
CA SER A 299 3.17 0.54 -14.41
C SER A 299 4.35 0.47 -15.36
N ALA A 300 5.57 0.41 -14.83
CA ALA A 300 6.75 0.35 -15.69
C ALA A 300 6.75 -0.92 -16.53
N GLU A 301 6.45 -2.06 -15.88
CA GLU A 301 6.43 -3.31 -16.63
C GLU A 301 5.50 -3.21 -17.83
N ARG A 302 4.27 -2.73 -17.60
CA ARG A 302 3.32 -2.59 -18.70
C ARG A 302 3.81 -1.56 -19.72
N TYR A 303 4.42 -0.48 -19.26
CA TYR A 303 4.94 0.52 -20.19
C TYR A 303 5.96 -0.09 -21.13
N LEU A 304 6.93 -0.83 -20.58
CA LEU A 304 7.96 -1.46 -21.39
C LEU A 304 7.33 -2.47 -22.34
N THR A 305 6.42 -3.32 -21.83
CA THR A 305 5.78 -4.30 -22.69
C THR A 305 4.98 -3.62 -23.78
N ALA A 306 4.30 -2.52 -23.45
CA ALA A 306 3.49 -1.82 -24.45
C ALA A 306 4.32 -1.25 -25.59
N ASN A 307 5.63 -1.06 -25.39
CA ASN A 307 6.49 -0.49 -26.43
C ASN A 307 7.55 -1.46 -26.90
N ASN A 308 7.38 -2.75 -26.63
CA ASN A 308 8.33 -3.80 -27.02
C ASN A 308 9.76 -3.39 -26.66
N LEU A 309 9.92 -2.91 -25.43
CA LEU A 309 11.22 -2.50 -24.94
C LEU A 309 11.82 -3.48 -23.93
N VAL A 310 11.08 -4.50 -23.51
CA VAL A 310 11.55 -5.30 -22.38
C VAL A 310 12.75 -6.13 -22.82
N ARG A 311 13.86 -5.97 -22.12
CA ARG A 311 15.05 -6.77 -22.32
C ARG A 311 15.01 -7.98 -21.39
N GLU A 312 15.45 -9.13 -21.88
CA GLU A 312 15.18 -10.40 -21.22
C GLU A 312 16.24 -10.75 -20.17
N PHE A 313 15.77 -10.97 -18.95
CA PHE A 313 16.54 -11.62 -17.88
C PHE A 313 15.61 -12.60 -17.21
N LYS A 314 16.19 -13.62 -16.56
CA LYS A 314 15.42 -14.66 -15.89
C LYS A 314 15.81 -14.74 -14.42
N GLN A 315 15.21 -15.69 -13.72
CA GLN A 315 15.51 -15.94 -12.31
C GLN A 315 16.76 -16.84 -12.22
N MET B 1 -23.05 3.50 19.87
CA MET B 1 -23.06 3.77 18.43
C MET B 1 -21.61 4.01 17.94
N GLU B 2 -21.29 3.55 16.73
CA GLU B 2 -19.90 3.30 16.35
C GLU B 2 -19.31 4.47 15.57
N ASN B 3 -18.03 4.76 15.87
CA ASN B 3 -17.23 5.67 15.07
C ASN B 3 -17.17 5.22 13.61
N VAL B 4 -16.72 3.98 13.40
CA VAL B 4 -16.46 3.40 12.08
C VAL B 4 -16.87 1.93 12.10
N VAL B 5 -17.45 1.46 11.00
CA VAL B 5 -17.67 0.03 10.78
C VAL B 5 -16.92 -0.38 9.52
N ILE B 6 -16.10 -1.44 9.63
CA ILE B 6 -15.31 -1.94 8.52
C ILE B 6 -15.90 -3.29 8.10
N ILE B 7 -16.17 -3.45 6.81
CA ILE B 7 -16.76 -4.68 6.25
C ILE B 7 -15.68 -5.38 5.44
N GLY B 8 -15.10 -6.42 5.99
CA GLY B 8 -14.09 -7.17 5.27
C GLY B 8 -12.88 -7.45 6.13
N SER B 9 -12.32 -8.65 6.01
CA SER B 9 -11.12 -9.03 6.76
C SER B 9 -10.01 -9.54 5.82
N GLY B 10 -9.89 -8.95 4.62
CA GLY B 10 -8.69 -9.12 3.83
C GLY B 10 -7.61 -8.13 4.25
N PRO B 11 -6.55 -8.01 3.45
CA PRO B 11 -5.50 -7.04 3.79
C PRO B 11 -6.03 -5.63 3.94
N ALA B 12 -7.01 -5.25 3.13
CA ALA B 12 -7.49 -3.87 3.15
C ALA B 12 -8.29 -3.61 4.41
N GLY B 13 -9.19 -4.53 4.77
CA GLY B 13 -10.00 -4.37 5.97
C GLY B 13 -9.18 -4.35 7.25
N TYR B 14 -8.18 -5.23 7.36
CA TYR B 14 -7.40 -5.29 8.61
C TYR B 14 -6.46 -4.10 8.73
N THR B 15 -5.84 -3.67 7.63
CA THR B 15 -5.01 -2.47 7.67
C THR B 15 -5.84 -1.26 8.04
N ALA B 16 -7.08 -1.20 7.53
CA ALA B 16 -7.99 -0.13 7.93
C ALA B 16 -8.29 -0.24 9.43
N ALA B 17 -8.45 -1.47 9.92
CA ALA B 17 -8.74 -1.66 11.34
C ALA B 17 -7.54 -1.26 12.19
N ILE B 18 -6.33 -1.63 11.77
CA ILE B 18 -5.13 -1.27 12.51
C ILE B 18 -5.02 0.24 12.66
N TYR B 19 -5.13 0.97 11.55
CA TYR B 19 -5.03 2.44 11.64
C TYR B 19 -6.18 3.01 12.46
N ALA B 20 -7.40 2.56 12.19
CA ALA B 20 -8.56 3.06 12.94
C ALA B 20 -8.42 2.77 14.43
N ALA B 21 -7.97 1.56 14.79
CA ALA B 21 -7.80 1.20 16.19
C ALA B 21 -6.74 2.07 16.86
N ARG B 22 -5.59 2.25 16.21
CA ARG B 22 -4.56 3.06 16.84
C ARG B 22 -4.98 4.52 16.93
N ALA B 23 -5.91 4.97 16.08
CA ALA B 23 -6.48 6.30 16.26
C ALA B 23 -7.61 6.32 17.29
N ASN B 24 -7.67 5.30 18.16
CA ASN B 24 -8.59 5.28 19.31
C ASN B 24 -10.06 5.30 18.89
N LEU B 25 -10.37 4.79 17.71
CA LEU B 25 -11.73 4.81 17.23
C LEU B 25 -12.52 3.56 17.60
N LYS B 26 -11.89 2.56 18.21
CA LYS B 26 -12.55 1.32 18.59
C LYS B 26 -13.37 0.77 17.43
N PRO B 27 -12.73 0.53 16.27
CA PRO B 27 -13.50 0.12 15.08
C PRO B 27 -14.19 -1.23 15.27
N VAL B 28 -15.36 -1.36 14.63
CA VAL B 28 -16.02 -2.65 14.49
C VAL B 28 -15.67 -3.24 13.13
N VAL B 29 -15.17 -4.48 13.11
CA VAL B 29 -14.89 -5.17 11.85
C VAL B 29 -15.85 -6.36 11.74
N PHE B 30 -16.68 -6.35 10.69
CA PHE B 30 -17.44 -7.53 10.27
C PHE B 30 -16.56 -8.29 9.29
N GLU B 31 -15.92 -9.37 9.75
CA GLU B 31 -14.87 -10.03 8.97
C GLU B 31 -15.39 -10.92 7.86
N GLY B 32 -16.68 -11.19 7.81
CA GLY B 32 -17.12 -12.28 6.95
C GLY B 32 -17.05 -13.62 7.66
N PHE B 33 -18.01 -14.48 7.33
CA PHE B 33 -17.97 -15.86 7.79
C PHE B 33 -18.07 -16.80 6.61
N ARG B 34 -19.20 -16.72 5.89
CA ARG B 34 -19.37 -17.49 4.68
C ARG B 34 -18.54 -16.88 3.56
N ASN B 35 -18.27 -15.59 3.66
CA ASN B 35 -17.47 -14.92 2.68
C ASN B 35 -15.98 -15.13 2.90
N GLY B 36 -15.59 -15.79 3.99
CA GLY B 36 -14.23 -16.23 4.19
C GLY B 36 -13.46 -15.22 5.02
N ARG B 37 -13.30 -15.52 6.30
CA ARG B 37 -12.53 -14.63 7.16
C ARG B 37 -11.06 -14.68 6.75
N GLY B 38 -10.44 -13.51 6.64
CA GLY B 38 -9.05 -13.42 6.21
C GLY B 38 -8.85 -13.23 4.73
N GLY B 39 -9.91 -13.33 3.91
CA GLY B 39 -9.86 -12.92 2.52
C GLY B 39 -9.31 -13.93 1.54
N GLN B 40 -9.13 -13.43 0.31
CA GLN B 40 -8.73 -14.27 -0.82
C GLN B 40 -7.37 -14.94 -0.57
N LEU B 41 -6.46 -14.29 0.17
CA LEU B 41 -5.14 -14.86 0.46
C LEU B 41 -5.20 -16.11 1.33
N MET B 42 -6.33 -16.42 1.97
CA MET B 42 -6.40 -17.68 2.71
C MET B 42 -6.28 -18.87 1.79
N THR B 43 -6.49 -18.70 0.49
CA THR B 43 -6.49 -19.81 -0.45
C THR B 43 -5.18 -19.95 -1.21
N THR B 44 -4.12 -19.29 -0.76
CA THR B 44 -2.81 -19.39 -1.41
C THR B 44 -1.78 -19.76 -0.36
N THR B 45 -0.73 -20.45 -0.80
CA THR B 45 0.27 -21.00 0.12
C THR B 45 1.57 -20.21 0.16
N GLU B 46 1.79 -19.29 -0.78
CA GLU B 46 3.09 -18.64 -0.89
C GLU B 46 2.88 -17.21 -1.35
N VAL B 47 3.23 -16.27 -0.49
CA VAL B 47 3.21 -14.85 -0.78
C VAL B 47 4.66 -14.39 -0.76
N GLU B 48 5.18 -14.00 -1.92
CA GLU B 48 6.58 -13.65 -2.09
C GLU B 48 6.81 -12.16 -2.35
N ASN B 49 5.77 -11.41 -2.69
CA ASN B 49 5.84 -10.02 -3.12
C ASN B 49 5.20 -9.09 -2.12
N PHE B 50 5.01 -9.55 -0.89
CA PHE B 50 4.51 -8.65 0.13
C PHE B 50 5.71 -8.12 0.90
N PRO B 51 6.02 -6.82 0.81
CA PRO B 51 7.35 -6.36 1.27
C PRO B 51 7.49 -6.53 2.78
N GLY B 52 8.62 -7.08 3.20
CA GLY B 52 8.88 -7.38 4.59
C GLY B 52 9.03 -8.86 4.89
N PHE B 53 8.81 -9.75 3.93
CA PHE B 53 8.91 -11.20 4.15
C PHE B 53 9.81 -11.84 3.10
N PRO B 54 11.13 -11.62 3.21
CA PRO B 54 12.06 -12.13 2.18
C PRO B 54 12.12 -13.64 2.07
N GLU B 55 11.63 -14.39 3.06
CA GLU B 55 11.57 -15.84 2.93
C GLU B 55 10.22 -16.33 2.44
N GLY B 56 9.32 -15.43 2.08
CA GLY B 56 7.96 -15.82 1.81
C GLY B 56 7.17 -16.01 3.09
N ILE B 57 5.84 -16.02 2.94
CA ILE B 57 4.93 -16.30 4.06
C ILE B 57 3.63 -16.87 3.46
N THR B 58 3.06 -17.87 4.12
CA THR B 58 1.80 -18.35 3.58
C THR B 58 0.70 -17.30 3.79
N GLY B 59 -0.33 -17.40 2.95
CA GLY B 59 -1.45 -16.50 3.00
C GLY B 59 -2.11 -16.54 4.36
N PRO B 60 -2.48 -17.74 4.82
CA PRO B 60 -3.07 -17.82 6.17
C PRO B 60 -2.19 -17.22 7.25
N ASP B 61 -0.87 -17.45 7.20
CA ASP B 61 0.05 -16.96 8.23
C ASP B 61 0.13 -15.43 8.24
N LEU B 62 0.14 -14.80 7.06
CA LEU B 62 0.13 -13.34 7.01
C LEU B 62 -1.19 -12.77 7.53
N MET B 63 -2.32 -13.41 7.20
CA MET B 63 -3.60 -12.86 7.67
C MET B 63 -3.83 -13.14 9.14
N ASP B 64 -3.34 -14.27 9.66
CA ASP B 64 -3.40 -14.47 11.10
C ASP B 64 -2.61 -13.38 11.82
N ARG B 65 -1.46 -12.95 11.26
CA ARG B 65 -0.67 -11.85 11.82
C ARG B 65 -1.45 -10.55 11.79
N MET B 66 -2.04 -10.23 10.64
CA MET B 66 -2.80 -9.00 10.50
C MET B 66 -3.98 -8.95 11.49
N ARG B 67 -4.69 -10.07 11.64
CA ARG B 67 -5.84 -10.08 12.52
C ARG B 67 -5.43 -9.76 13.97
N LYS B 68 -4.37 -10.41 14.46
CA LYS B 68 -3.89 -10.07 15.79
C LYS B 68 -3.49 -8.61 15.88
N GLN B 69 -2.95 -8.04 14.80
CA GLN B 69 -2.50 -6.65 14.86
C GLN B 69 -3.69 -5.71 14.99
N ALA B 70 -4.78 -6.02 14.26
CA ALA B 70 -6.03 -5.27 14.39
C ALA B 70 -6.57 -5.35 15.82
N GLU B 71 -6.52 -6.53 16.42
CA GLU B 71 -7.09 -6.69 17.75
C GLU B 71 -6.23 -6.03 18.81
N ARG B 72 -4.90 -6.11 18.67
CA ARG B 72 -4.00 -5.58 19.69
C ARG B 72 -4.29 -4.12 19.97
N TRP B 73 -4.61 -3.35 18.94
CA TRP B 73 -4.73 -1.91 19.07
C TRP B 73 -6.16 -1.45 19.33
N GLY B 74 -7.11 -2.38 19.50
CA GLY B 74 -8.46 -2.05 19.93
C GLY B 74 -9.61 -2.41 18.99
N SER B 75 -9.36 -3.19 17.94
CA SER B 75 -10.42 -3.53 17.02
C SER B 75 -11.42 -4.50 17.63
N GLU B 76 -12.69 -4.32 17.31
CA GLU B 76 -13.76 -5.22 17.75
C GLU B 76 -14.14 -6.11 16.57
N LEU B 77 -13.71 -7.37 16.60
CA LEU B 77 -13.80 -8.24 15.42
C LEU B 77 -14.99 -9.16 15.53
N TYR B 78 -15.85 -9.14 14.51
CA TYR B 78 -16.98 -10.08 14.44
C TYR B 78 -16.81 -10.96 13.20
N THR B 79 -16.73 -12.26 13.41
CA THR B 79 -16.71 -13.22 12.32
C THR B 79 -18.14 -13.42 11.81
N GLU B 80 -18.62 -12.42 11.09
CA GLU B 80 -20.02 -12.40 10.69
C GLU B 80 -20.13 -11.81 9.30
N ASP B 81 -21.08 -12.34 8.53
CA ASP B 81 -21.48 -11.76 7.26
C ASP B 81 -22.47 -10.63 7.45
N VAL B 82 -22.17 -9.49 6.85
CA VAL B 82 -23.12 -8.38 6.78
C VAL B 82 -24.17 -8.71 5.73
N GLU B 83 -25.44 -8.55 6.10
CA GLU B 83 -26.52 -8.85 5.17
C GLU B 83 -27.14 -7.63 4.56
N GLN B 84 -26.89 -6.46 5.14
CA GLN B 84 -27.60 -5.24 4.75
C GLN B 84 -26.78 -4.04 5.17
N VAL B 85 -26.78 -3.00 4.33
CA VAL B 85 -26.16 -1.72 4.65
C VAL B 85 -27.10 -0.63 4.16
N ASP B 86 -27.59 0.22 5.08
CA ASP B 86 -28.49 1.32 4.74
C ASP B 86 -27.72 2.63 4.85
N LEU B 87 -27.38 3.20 3.70
CA LEU B 87 -26.65 4.46 3.59
C LEU B 87 -27.56 5.66 3.36
N SER B 88 -28.88 5.45 3.39
CA SER B 88 -29.88 6.50 3.23
C SER B 88 -30.27 7.19 4.54
N VAL B 89 -29.68 6.79 5.66
CA VAL B 89 -29.89 7.43 6.95
C VAL B 89 -28.53 7.67 7.59
N ARG B 90 -28.48 8.63 8.52
CA ARG B 90 -27.25 8.99 9.22
C ARG B 90 -27.54 9.10 10.72
N PRO B 91 -26.88 8.32 11.58
CA PRO B 91 -25.78 7.41 11.23
C PRO B 91 -26.24 6.23 10.36
N PHE B 92 -25.30 5.60 9.66
CA PHE B 92 -25.63 4.46 8.81
C PHE B 92 -26.01 3.23 9.65
N VAL B 93 -26.78 2.33 9.05
CA VAL B 93 -27.17 1.07 9.69
C VAL B 93 -26.42 -0.08 9.00
N ILE B 94 -25.76 -0.92 9.79
CA ILE B 94 -25.08 -2.11 9.28
C ILE B 94 -25.62 -3.33 10.02
N ARG B 95 -26.17 -4.29 9.27
CA ARG B 95 -26.84 -5.46 9.84
C ARG B 95 -26.15 -6.74 9.42
N SER B 96 -25.68 -7.50 10.40
CA SER B 96 -25.44 -8.92 10.22
C SER B 96 -26.62 -9.64 10.86
N SER B 97 -26.74 -10.94 10.63
CA SER B 97 -27.96 -11.57 11.14
C SER B 97 -27.97 -11.51 12.67
N ASP B 98 -26.81 -11.31 13.26
CA ASP B 98 -26.61 -11.40 14.70
C ASP B 98 -26.77 -10.07 15.39
N ARG B 99 -26.74 -8.96 14.65
CA ARG B 99 -26.68 -7.66 15.30
C ARG B 99 -26.85 -6.54 14.28
N GLU B 100 -27.30 -5.39 14.77
CA GLU B 100 -27.51 -4.19 13.99
C GLU B 100 -26.80 -3.03 14.67
N LEU B 101 -25.94 -2.35 13.93
CA LEU B 101 -25.16 -1.26 14.48
C LEU B 101 -25.43 0.00 13.67
N ARG B 102 -25.33 1.14 14.35
CA ARG B 102 -25.29 2.44 13.71
C ARG B 102 -23.85 2.93 13.71
N ALA B 103 -23.44 3.64 12.65
CA ALA B 103 -22.05 4.11 12.54
C ALA B 103 -21.98 5.45 11.83
N HIS B 104 -21.08 6.32 12.29
CA HIS B 104 -20.90 7.61 11.63
C HIS B 104 -20.18 7.46 10.30
N SER B 105 -19.35 6.43 10.15
CA SER B 105 -18.63 6.18 8.92
C SER B 105 -18.50 4.69 8.71
N VAL B 106 -18.41 4.32 7.44
CA VAL B 106 -18.34 2.93 7.03
C VAL B 106 -17.18 2.79 6.07
N ILE B 107 -16.43 1.70 6.21
CA ILE B 107 -15.36 1.37 5.28
C ILE B 107 -15.70 0.02 4.69
N ILE B 108 -15.96 -0.03 3.39
CA ILE B 108 -16.33 -1.27 2.75
C ILE B 108 -15.14 -1.79 1.98
N ALA B 109 -14.63 -2.94 2.41
CA ALA B 109 -13.47 -3.57 1.79
C ALA B 109 -13.81 -5.03 1.52
N THR B 110 -14.71 -5.28 0.58
CA THR B 110 -15.24 -6.63 0.39
C THR B 110 -14.55 -7.40 -0.73
N GLY B 111 -13.54 -6.80 -1.37
CA GLY B 111 -12.73 -7.51 -2.33
C GLY B 111 -13.34 -7.64 -3.72
N ALA B 112 -12.59 -8.33 -4.58
CA ALA B 112 -13.03 -8.65 -5.94
C ALA B 112 -12.51 -10.06 -6.23
N THR B 113 -13.38 -11.05 -6.03
CA THR B 113 -12.94 -12.44 -6.10
C THR B 113 -12.68 -12.86 -7.54
N ALA B 114 -11.52 -13.52 -7.75
CA ALA B 114 -11.11 -13.98 -9.08
C ALA B 114 -11.93 -15.21 -9.50
N LYS B 115 -12.58 -15.12 -10.65
CA LYS B 115 -13.42 -16.21 -11.12
C LYS B 115 -12.63 -17.51 -11.23
N ARG B 116 -13.22 -18.59 -10.74
CA ARG B 116 -12.66 -19.92 -10.87
C ARG B 116 -13.52 -20.75 -11.82
N LEU B 117 -12.95 -21.87 -12.30
CA LEU B 117 -13.66 -22.74 -13.22
C LEU B 117 -14.56 -23.73 -12.51
N GLY B 118 -14.20 -24.15 -11.30
CA GLY B 118 -14.98 -25.16 -10.60
C GLY B 118 -14.82 -26.58 -11.12
N LEU B 119 -13.60 -26.96 -11.50
CA LEU B 119 -13.34 -28.30 -12.01
C LEU B 119 -13.40 -29.31 -10.87
N PRO B 120 -13.85 -30.53 -11.15
CA PRO B 120 -13.88 -31.58 -10.11
C PRO B 120 -12.67 -31.62 -9.18
N SER B 121 -11.45 -31.62 -9.72
CA SER B 121 -10.22 -31.71 -8.93
C SER B 121 -9.63 -30.35 -8.57
N GLU B 122 -10.32 -29.25 -8.87
CA GLU B 122 -9.71 -27.93 -8.75
C GLU B 122 -9.11 -27.71 -7.36
N ASN B 123 -9.87 -28.05 -6.31
CA ASN B 123 -9.39 -27.83 -4.94
C ASN B 123 -8.11 -28.60 -4.68
N THR B 124 -7.97 -29.78 -5.28
CA THR B 124 -6.76 -30.57 -5.10
C THR B 124 -5.52 -29.83 -5.59
N PHE B 125 -5.58 -29.26 -6.80
CA PHE B 125 -4.38 -28.67 -7.39
C PHE B 125 -4.33 -27.16 -7.22
N TRP B 126 -5.31 -26.56 -6.56
CA TRP B 126 -5.26 -25.13 -6.28
C TRP B 126 -4.04 -24.83 -5.44
N SER B 127 -3.27 -23.82 -5.87
CA SER B 127 -2.06 -23.41 -5.17
C SER B 127 -0.97 -24.47 -5.24
N ARG B 128 -1.18 -25.53 -6.03
CA ARG B 128 -0.21 -26.57 -6.29
C ARG B 128 -0.25 -26.90 -7.77
N GLY B 129 -0.41 -25.87 -8.59
CA GLY B 129 -0.43 -26.05 -10.02
C GLY B 129 -1.42 -25.13 -10.70
N ILE B 130 -2.50 -24.78 -10.01
CA ILE B 130 -3.51 -23.89 -10.54
C ILE B 130 -3.46 -22.60 -9.73
N SER B 131 -3.44 -21.48 -10.42
CA SER B 131 -3.46 -20.17 -9.79
C SER B 131 -4.35 -19.25 -10.61
N ALA B 132 -4.74 -18.14 -10.00
CA ALA B 132 -5.49 -17.12 -10.71
C ALA B 132 -4.70 -15.84 -10.97
N CYS B 133 -3.53 -15.68 -10.35
CA CYS B 133 -2.79 -14.42 -10.37
C CYS B 133 -1.40 -14.68 -10.98
N ALA B 134 -1.17 -14.19 -12.20
CA ALA B 134 0.11 -14.45 -12.83
C ALA B 134 1.19 -13.56 -12.23
N ILE B 135 0.86 -12.32 -11.95
CA ILE B 135 1.83 -11.42 -11.33
C ILE B 135 2.35 -12.01 -10.03
N SER B 136 1.50 -12.72 -9.30
CA SER B 136 1.88 -13.24 -7.99
C SER B 136 2.58 -14.59 -8.09
N ASP B 137 2.00 -15.52 -8.85
CA ASP B 137 2.46 -16.90 -8.83
C ASP B 137 3.34 -17.26 -10.01
N GLY B 138 3.34 -16.44 -11.06
CA GLY B 138 4.10 -16.78 -12.26
C GLY B 138 5.57 -17.05 -11.98
N ALA B 139 6.16 -16.32 -11.04
CA ALA B 139 7.57 -16.52 -10.72
C ALA B 139 7.81 -17.76 -9.87
N SER B 140 6.78 -18.55 -9.63
CA SER B 140 6.90 -19.67 -8.70
C SER B 140 7.81 -20.76 -9.28
N PRO B 141 8.50 -21.51 -8.42
CA PRO B 141 9.35 -22.59 -8.91
C PRO B 141 8.56 -23.66 -9.64
N LEU B 142 7.28 -23.81 -9.30
CA LEU B 142 6.48 -24.86 -9.92
C LEU B 142 6.43 -24.70 -11.43
N PHE B 143 6.41 -23.46 -11.91
CA PHE B 143 6.27 -23.18 -13.34
C PHE B 143 7.57 -22.79 -14.02
N LYS B 144 8.70 -22.96 -13.35
CA LYS B 144 9.94 -22.49 -13.96
C LYS B 144 10.29 -23.39 -15.14
N ASN B 145 10.32 -22.81 -16.33
CA ASN B 145 10.89 -23.43 -17.50
C ASN B 145 9.98 -24.58 -17.91
N ALA B 146 8.70 -24.51 -17.52
CA ALA B 146 7.74 -25.60 -17.67
C ALA B 146 6.64 -25.18 -18.66
N GLU B 147 5.78 -26.13 -19.01
CA GLU B 147 4.65 -25.87 -19.89
C GLU B 147 3.42 -25.54 -19.07
N VAL B 148 2.78 -24.40 -19.38
CA VAL B 148 1.62 -23.94 -18.62
C VAL B 148 0.46 -23.58 -19.53
N ALA B 149 -0.75 -23.82 -19.04
CA ALA B 149 -1.97 -23.42 -19.72
C ALA B 149 -2.48 -22.11 -19.13
N VAL B 150 -3.03 -21.25 -19.99
CA VAL B 150 -3.74 -20.05 -19.57
C VAL B 150 -5.16 -20.12 -20.12
N VAL B 151 -6.15 -19.97 -19.25
CA VAL B 151 -7.56 -20.19 -19.61
C VAL B 151 -8.26 -18.85 -19.81
N GLY B 152 -9.00 -18.74 -20.91
CA GLY B 152 -9.72 -17.54 -21.25
C GLY B 152 -9.48 -17.12 -22.68
N GLY B 153 -10.16 -16.05 -23.07
CA GLY B 153 -10.05 -15.54 -24.43
C GLY B 153 -10.09 -14.03 -24.58
N GLY B 154 -10.22 -13.32 -23.47
CA GLY B 154 -10.28 -11.88 -23.49
C GLY B 154 -8.93 -11.24 -23.26
N ASP B 155 -8.97 -9.92 -23.04
CA ASP B 155 -7.74 -9.18 -22.80
C ASP B 155 -7.04 -9.69 -21.56
N SER B 156 -7.79 -10.03 -20.51
CA SER B 156 -7.16 -10.59 -19.33
C SER B 156 -6.35 -11.85 -19.67
N ALA B 157 -6.98 -12.81 -20.36
CA ALA B 157 -6.29 -14.06 -20.67
C ALA B 157 -5.09 -13.85 -21.59
N THR B 158 -5.25 -13.05 -22.65
CA THR B 158 -4.11 -12.81 -23.54
C THR B 158 -2.98 -12.10 -22.79
N GLU B 159 -3.32 -11.15 -21.91
CA GLU B 159 -2.31 -10.48 -21.10
C GLU B 159 -1.58 -11.46 -20.19
N GLU B 160 -2.32 -12.36 -19.52
CA GLU B 160 -1.68 -13.35 -18.66
C GLU B 160 -0.76 -14.28 -19.44
N ALA B 161 -1.23 -14.75 -20.61
CA ALA B 161 -0.43 -15.65 -21.43
C ALA B 161 0.90 -15.01 -21.84
N VAL B 162 0.86 -13.75 -22.27
CA VAL B 162 2.10 -13.06 -22.58
C VAL B 162 2.96 -12.94 -21.33
N TYR B 163 2.35 -12.60 -20.20
CA TYR B 163 3.11 -12.44 -18.96
C TYR B 163 3.82 -13.74 -18.55
N VAL B 164 3.15 -14.89 -18.67
CA VAL B 164 3.79 -16.11 -18.17
C VAL B 164 4.87 -16.66 -19.09
N THR B 165 4.98 -16.16 -20.33
CA THR B 165 6.15 -16.51 -21.13
C THR B 165 7.44 -15.95 -20.52
N LYS B 166 7.34 -15.06 -19.52
CA LYS B 166 8.52 -14.60 -18.78
C LYS B 166 9.22 -15.74 -18.05
N TYR B 167 8.45 -16.78 -17.64
CA TYR B 167 8.98 -17.87 -16.81
C TYR B 167 8.78 -19.26 -17.42
N ALA B 168 7.69 -19.45 -18.15
CA ALA B 168 7.36 -20.75 -18.69
C ALA B 168 8.11 -21.00 -20.00
N LYS B 169 8.46 -22.26 -20.21
CA LYS B 169 9.02 -22.67 -21.50
C LYS B 169 8.02 -22.50 -22.64
N HIS B 170 6.75 -22.89 -22.43
CA HIS B 170 5.72 -22.75 -23.45
C HIS B 170 4.37 -22.53 -22.78
N VAL B 171 3.50 -21.75 -23.44
CA VAL B 171 2.23 -21.35 -22.85
C VAL B 171 1.11 -21.74 -23.80
N HIS B 172 0.12 -22.48 -23.27
CA HIS B 172 -1.04 -22.92 -24.06
C HIS B 172 -2.28 -22.09 -23.70
N LEU B 173 -2.69 -21.20 -24.59
CA LEU B 173 -3.90 -20.42 -24.38
C LEU B 173 -5.11 -21.23 -24.82
N LEU B 174 -5.94 -21.63 -23.83
CA LEU B 174 -7.14 -22.43 -24.07
C LEU B 174 -8.32 -21.46 -24.21
N VAL B 175 -8.88 -21.37 -25.41
CA VAL B 175 -9.96 -20.45 -25.72
C VAL B 175 -11.21 -21.29 -25.96
N ARG B 176 -12.23 -21.07 -25.14
CA ARG B 176 -13.43 -21.90 -25.22
C ARG B 176 -14.18 -21.68 -26.52
N GLY B 177 -14.07 -20.50 -27.12
CA GLY B 177 -14.83 -20.14 -28.30
C GLY B 177 -14.08 -20.34 -29.61
N GLU B 178 -14.76 -19.96 -30.68
CA GLU B 178 -14.21 -20.07 -32.03
C GLU B 178 -13.01 -19.13 -32.22
N ARG B 179 -13.06 -17.94 -31.64
CA ARG B 179 -11.98 -16.96 -31.78
C ARG B 179 -11.81 -16.24 -30.44
N MET B 180 -10.64 -15.65 -30.27
CA MET B 180 -10.38 -14.79 -29.12
C MET B 180 -11.26 -13.55 -29.15
N ARG B 181 -11.49 -12.99 -27.96
CA ARG B 181 -12.24 -11.76 -27.82
C ARG B 181 -11.39 -10.52 -27.55
N ALA B 182 -10.09 -10.69 -27.25
CA ALA B 182 -9.25 -9.53 -26.90
C ALA B 182 -9.15 -8.56 -28.08
N SER B 183 -8.51 -7.41 -27.83
CA SER B 183 -8.30 -6.44 -28.90
C SER B 183 -7.39 -7.01 -29.97
N LYS B 184 -7.44 -6.41 -31.16
CA LYS B 184 -6.56 -6.88 -32.23
C LYS B 184 -5.11 -6.78 -31.82
N ALA B 185 -4.76 -5.73 -31.06
CA ALA B 185 -3.39 -5.60 -30.57
C ALA B 185 -3.01 -6.78 -29.69
N MET B 186 -3.88 -7.14 -28.75
CA MET B 186 -3.59 -8.25 -27.84
C MET B 186 -3.48 -9.57 -28.59
N GLN B 187 -4.41 -9.84 -29.51
CA GLN B 187 -4.34 -11.07 -30.29
C GLN B 187 -3.08 -11.08 -31.14
N ASP B 188 -2.70 -9.92 -31.68
CA ASP B 188 -1.48 -9.81 -32.47
C ASP B 188 -0.26 -10.12 -31.61
N ARG B 189 -0.16 -9.49 -30.44
CA ARG B 189 0.88 -9.82 -29.48
C ARG B 189 0.97 -11.33 -29.28
N VAL B 190 -0.18 -11.99 -29.11
CA VAL B 190 -0.20 -13.42 -28.82
C VAL B 190 0.25 -14.23 -30.03
N LEU B 191 -0.25 -13.91 -31.23
CA LEU B 191 0.05 -14.72 -32.40
C LEU B 191 1.46 -14.46 -32.94
N ALA B 192 2.11 -13.38 -32.51
CA ALA B 192 3.49 -13.11 -32.87
C ALA B 192 4.49 -13.65 -31.85
N ASN B 193 4.01 -14.32 -30.80
CA ASN B 193 4.89 -14.85 -29.77
C ASN B 193 5.05 -16.36 -29.95
N PRO B 194 6.22 -16.85 -30.35
CA PRO B 194 6.33 -18.29 -30.68
C PRO B 194 6.23 -19.21 -29.47
N ARG B 195 6.21 -18.67 -28.26
CA ARG B 195 6.06 -19.49 -27.06
C ARG B 195 4.61 -19.71 -26.66
N ILE B 196 3.65 -19.17 -27.40
CA ILE B 196 2.24 -19.38 -27.11
C ILE B 196 1.61 -20.17 -28.26
N THR B 197 0.94 -21.26 -27.90
CA THR B 197 0.04 -21.98 -28.79
C THR B 197 -1.39 -21.65 -28.38
N VAL B 198 -2.21 -21.20 -29.32
CA VAL B 198 -3.60 -20.90 -29.03
C VAL B 198 -4.44 -22.09 -29.46
N HIS B 199 -5.17 -22.69 -28.52
CA HIS B 199 -6.15 -23.72 -28.83
C HIS B 199 -7.54 -23.10 -28.78
N PHE B 200 -8.23 -23.10 -29.92
CA PHE B 200 -9.62 -22.65 -30.00
C PHE B 200 -10.57 -23.82 -29.77
N ASN B 201 -11.86 -23.48 -29.60
CA ASN B 201 -12.93 -24.46 -29.43
C ASN B 201 -12.55 -25.53 -28.41
N THR B 202 -11.88 -25.11 -27.35
CA THR B 202 -11.31 -26.01 -26.37
C THR B 202 -11.89 -25.70 -25.01
N GLY B 203 -12.45 -26.72 -24.36
CA GLY B 203 -12.91 -26.58 -22.99
C GLY B 203 -12.16 -27.53 -22.09
N ILE B 204 -12.22 -27.31 -20.79
CA ILE B 204 -11.50 -28.09 -19.80
C ILE B 204 -12.50 -28.95 -19.03
N GLU B 205 -12.27 -30.26 -19.05
CA GLU B 205 -13.08 -31.20 -18.30
C GLU B 205 -12.56 -31.40 -16.87
N ASP B 206 -11.25 -31.46 -16.69
CA ASP B 206 -10.69 -31.59 -15.35
C ASP B 206 -9.17 -31.39 -15.43
N ALA B 207 -8.56 -31.34 -14.26
CA ALA B 207 -7.12 -31.37 -14.09
C ALA B 207 -6.75 -32.69 -13.42
N PHE B 208 -5.56 -33.19 -13.74
CA PHE B 208 -5.09 -34.41 -13.12
C PHE B 208 -3.64 -34.25 -12.68
N GLY B 209 -3.22 -35.17 -11.83
CA GLY B 209 -1.84 -35.21 -11.38
C GLY B 209 -1.71 -36.01 -10.11
N GLY B 210 -0.50 -35.96 -9.56
CA GLY B 210 -0.25 -36.43 -8.22
C GLY B 210 -0.27 -35.30 -7.21
N GLU B 211 0.89 -35.04 -6.61
CA GLU B 211 0.96 -34.00 -5.59
C GLU B 211 0.83 -32.61 -6.19
N VAL B 212 1.19 -32.45 -7.47
CA VAL B 212 1.13 -31.19 -8.19
C VAL B 212 0.49 -31.42 -9.57
N LEU B 213 0.02 -30.34 -10.17
CA LEU B 213 -0.66 -30.44 -11.45
C LEU B 213 0.26 -31.11 -12.48
N GLN B 214 -0.27 -32.10 -13.22
CA GLN B 214 0.50 -32.79 -14.25
CA GLN B 214 0.49 -32.82 -14.24
C GLN B 214 -0.12 -32.76 -15.64
N GLY B 215 -1.37 -32.34 -15.77
CA GLY B 215 -1.99 -32.24 -17.08
C GLY B 215 -3.45 -31.82 -16.96
N LEU B 216 -4.11 -31.79 -18.12
CA LEU B 216 -5.51 -31.41 -18.23
C LEU B 216 -6.23 -32.37 -19.18
N ARG B 217 -7.45 -32.74 -18.82
CA ARG B 217 -8.36 -33.38 -19.77
C ARG B 217 -9.12 -32.27 -20.49
N LEU B 218 -9.00 -32.22 -21.80
CA LEU B 218 -9.71 -31.24 -22.59
C LEU B 218 -10.78 -31.92 -23.43
N PHE B 219 -11.63 -31.09 -24.01
CA PHE B 219 -12.56 -31.55 -25.02
C PHE B 219 -12.69 -30.44 -26.06
N ASP B 220 -13.00 -30.85 -27.29
CA ASP B 220 -13.36 -29.89 -28.33
C ASP B 220 -14.80 -29.44 -28.10
N THR B 221 -15.02 -28.13 -28.04
CA THR B 221 -16.37 -27.64 -27.83
C THR B 221 -17.23 -27.75 -29.08
N ARG B 222 -16.72 -28.37 -30.15
CA ARG B 222 -17.54 -28.65 -31.32
C ARG B 222 -17.96 -30.11 -31.38
N THR B 223 -16.98 -31.02 -31.35
CA THR B 223 -17.25 -32.46 -31.45
C THR B 223 -17.40 -33.15 -30.10
N GLY B 224 -17.01 -32.50 -29.00
CA GLY B 224 -16.94 -33.18 -27.72
C GLY B 224 -15.76 -34.13 -27.60
N GLU B 225 -14.97 -34.27 -28.67
CA GLU B 225 -13.77 -35.09 -28.68
C GLU B 225 -12.82 -34.72 -27.55
N LYS B 226 -12.33 -35.74 -26.86
CA LYS B 226 -11.41 -35.56 -25.73
C LYS B 226 -9.95 -35.66 -26.16
N ARG B 227 -9.09 -35.03 -25.35
CA ARG B 227 -7.69 -34.84 -25.66
C ARG B 227 -7.02 -34.47 -24.34
N SER B 228 -5.83 -35.02 -24.08
CA SER B 228 -5.07 -34.68 -22.89
C SER B 228 -3.91 -33.75 -23.21
N LEU B 229 -3.72 -32.77 -22.34
CA LEU B 229 -2.63 -31.79 -22.45
C LEU B 229 -1.75 -31.87 -21.21
N ASP B 230 -0.49 -32.18 -21.41
CA ASP B 230 0.47 -32.23 -20.31
C ASP B 230 0.93 -30.80 -20.01
N VAL B 231 0.75 -30.38 -18.76
CA VAL B 231 1.15 -29.06 -18.30
C VAL B 231 1.41 -29.16 -16.80
N GLN B 232 2.32 -28.33 -16.30
CA GLN B 232 2.59 -28.29 -14.87
C GLN B 232 2.06 -27.02 -14.21
N GLY B 233 1.47 -26.10 -14.96
CA GLY B 233 0.77 -24.98 -14.37
C GLY B 233 -0.45 -24.62 -15.21
N MET B 234 -1.46 -24.04 -14.54
CA MET B 234 -2.65 -23.51 -15.21
C MET B 234 -3.08 -22.22 -14.53
N PHE B 235 -3.20 -21.13 -15.29
CA PHE B 235 -3.62 -19.83 -14.79
C PHE B 235 -5.01 -19.50 -15.34
N TYR B 236 -5.93 -19.10 -14.45
CA TYR B 236 -7.23 -18.61 -14.89
C TYR B 236 -7.11 -17.13 -15.25
N GLY B 237 -7.65 -16.78 -16.41
CA GLY B 237 -7.67 -15.40 -16.88
C GLY B 237 -9.08 -14.99 -17.28
N ILE B 238 -10.06 -15.42 -16.49
CA ILE B 238 -11.45 -15.26 -16.86
C ILE B 238 -12.10 -14.21 -15.97
N GLY B 239 -11.33 -13.25 -15.51
CA GLY B 239 -11.94 -12.05 -14.96
C GLY B 239 -12.16 -12.08 -13.47
N HIS B 240 -12.85 -11.03 -13.01
CA HIS B 240 -12.97 -10.74 -11.59
C HIS B 240 -14.39 -10.28 -11.27
N THR B 241 -14.81 -10.55 -10.03
CA THR B 241 -16.12 -10.13 -9.53
C THR B 241 -15.92 -9.17 -8.36
N PRO B 242 -16.10 -7.87 -8.56
CA PRO B 242 -16.09 -6.95 -7.42
C PRO B 242 -17.32 -7.21 -6.57
N ASN B 243 -17.13 -7.28 -5.25
CA ASN B 243 -18.18 -7.65 -4.31
C ASN B 243 -18.91 -6.43 -3.77
N SER B 244 -19.65 -5.76 -4.65
CA SER B 244 -20.35 -4.53 -4.30
C SER B 244 -21.86 -4.71 -4.09
N LYS B 245 -22.36 -5.93 -3.94
CA LYS B 245 -23.81 -6.12 -3.84
C LYS B 245 -24.40 -5.33 -2.67
N LEU B 246 -23.66 -5.16 -1.57
CA LEU B 246 -24.23 -4.51 -0.39
C LEU B 246 -24.48 -3.03 -0.63
N VAL B 247 -23.70 -2.40 -1.51
CA VAL B 247 -23.84 -0.97 -1.75
C VAL B 247 -24.34 -0.67 -3.16
N ALA B 248 -24.68 -1.70 -3.94
CA ALA B 248 -25.27 -1.47 -5.25
C ALA B 248 -26.53 -0.64 -5.11
N GLY B 249 -26.65 0.38 -5.96
CA GLY B 249 -27.75 1.31 -5.88
C GLY B 249 -27.57 2.43 -4.89
N GLN B 250 -26.60 2.32 -3.98
CA GLN B 250 -26.38 3.32 -2.93
C GLN B 250 -25.13 4.14 -3.13
N VAL B 251 -24.04 3.53 -3.59
CA VAL B 251 -22.84 4.27 -3.96
C VAL B 251 -22.60 4.08 -5.45
N GLU B 252 -21.97 5.05 -6.08
CA GLU B 252 -21.67 4.98 -7.50
C GLU B 252 -20.73 3.81 -7.81
N LEU B 253 -21.09 3.01 -8.81
CA LEU B 253 -20.23 1.95 -9.33
C LEU B 253 -20.00 2.15 -10.82
N ASP B 254 -18.94 1.52 -11.33
CA ASP B 254 -18.71 1.53 -12.77
C ASP B 254 -19.48 0.36 -13.42
N GLU B 255 -19.32 0.20 -14.74
CA GLU B 255 -20.14 -0.77 -15.47
C GLU B 255 -19.87 -2.21 -15.03
N ALA B 256 -18.63 -2.51 -14.65
CA ALA B 256 -18.29 -3.86 -14.20
C ALA B 256 -18.63 -4.10 -12.74
N GLY B 257 -19.11 -3.09 -12.01
CA GLY B 257 -19.49 -3.22 -10.61
C GLY B 257 -18.49 -2.75 -9.58
N TYR B 258 -17.37 -2.16 -9.99
CA TYR B 258 -16.41 -1.64 -9.01
C TYR B 258 -16.93 -0.34 -8.39
N VAL B 259 -16.61 -0.14 -7.11
CA VAL B 259 -16.94 1.11 -6.46
C VAL B 259 -16.06 2.23 -7.03
N LYS B 260 -16.69 3.33 -7.44
CA LYS B 260 -15.98 4.51 -7.89
C LYS B 260 -15.47 5.28 -6.68
N VAL B 261 -14.18 5.65 -6.70
CA VAL B 261 -13.56 6.42 -5.63
C VAL B 261 -12.81 7.61 -6.20
N ALA B 262 -12.66 8.62 -5.34
CA ALA B 262 -11.71 9.71 -5.56
C ALA B 262 -11.03 10.01 -4.23
N HIS B 263 -9.93 10.75 -4.30
CA HIS B 263 -9.17 11.08 -3.09
C HIS B 263 -8.72 9.82 -2.36
N GLY B 264 -8.35 8.80 -3.11
CA GLY B 264 -7.89 7.58 -2.46
C GLY B 264 -8.98 6.61 -2.07
N ALA B 265 -9.92 7.03 -1.21
CA ALA B 265 -10.90 6.10 -0.69
C ALA B 265 -12.32 6.64 -0.58
N ALA B 266 -12.57 7.88 -0.99
CA ALA B 266 -13.92 8.44 -0.83
C ALA B 266 -14.84 7.92 -1.92
N THR B 267 -16.00 7.39 -1.50
CA THR B 267 -17.08 7.06 -2.42
C THR B 267 -17.96 8.28 -2.63
N SER B 268 -19.01 8.11 -3.44
CA SER B 268 -19.95 9.19 -3.71
C SER B 268 -20.82 9.55 -2.50
N VAL B 269 -20.81 8.75 -1.44
CA VAL B 269 -21.62 9.03 -0.26
C VAL B 269 -20.67 9.50 0.84
N PRO B 270 -20.72 10.77 1.26
CA PRO B 270 -19.82 11.22 2.33
C PRO B 270 -19.98 10.36 3.59
N GLY B 271 -18.85 10.03 4.19
CA GLY B 271 -18.83 9.09 5.29
C GLY B 271 -18.59 7.64 4.90
N VAL B 272 -18.70 7.30 3.62
CA VAL B 272 -18.47 5.93 3.15
C VAL B 272 -17.14 5.87 2.40
N PHE B 273 -16.29 4.94 2.80
CA PHE B 273 -15.00 4.78 2.17
C PHE B 273 -14.85 3.34 1.72
N SER B 274 -14.15 3.17 0.60
CA SER B 274 -13.83 1.87 0.04
C SER B 274 -12.33 1.65 0.10
N ALA B 275 -11.92 0.42 0.41
CA ALA B 275 -10.52 0.01 0.46
C ALA B 275 -10.35 -1.34 -0.26
N GLY B 276 -9.29 -1.47 -1.04
CA GLY B 276 -8.88 -2.76 -1.57
C GLY B 276 -9.30 -3.02 -3.00
N ASP B 277 -9.26 -4.32 -3.35
CA ASP B 277 -9.65 -4.78 -4.67
C ASP B 277 -11.06 -4.35 -5.07
N LEU B 278 -11.93 -4.04 -4.09
CA LEU B 278 -13.32 -3.67 -4.38
C LEU B 278 -13.42 -2.49 -5.33
N HIS B 279 -12.42 -1.61 -5.35
CA HIS B 279 -12.43 -0.46 -6.25
C HIS B 279 -11.25 -0.42 -7.21
N ASP B 280 -10.31 -1.36 -7.12
CA ASP B 280 -9.06 -1.28 -7.87
C ASP B 280 -9.09 -2.22 -9.07
N THR B 281 -9.21 -1.65 -10.27
CA THR B 281 -9.16 -2.41 -11.50
C THR B 281 -7.75 -2.53 -12.11
N GLU B 282 -6.74 -1.87 -11.52
CA GLU B 282 -5.39 -1.79 -12.08
C GLU B 282 -4.40 -2.77 -11.46
N TRP B 283 -4.32 -2.84 -10.13
CA TRP B 283 -3.21 -3.53 -9.46
C TRP B 283 -3.60 -4.85 -8.84
N ARG B 284 -4.64 -4.88 -8.00
CA ARG B 284 -5.18 -6.12 -7.43
C ARG B 284 -4.11 -6.90 -6.66
N GLN B 285 -3.36 -6.20 -5.81
CA GLN B 285 -2.32 -6.83 -4.99
C GLN B 285 -2.61 -6.64 -3.50
N ALA B 286 -2.06 -7.55 -2.69
CA ALA B 286 -2.20 -7.45 -1.25
C ALA B 286 -1.57 -6.16 -0.72
N ILE B 287 -0.36 -5.81 -1.20
CA ILE B 287 0.31 -4.62 -0.69
C ILE B 287 -0.49 -3.37 -1.03
N THR B 288 -1.03 -3.28 -2.25
CA THR B 288 -1.80 -2.08 -2.58
C THR B 288 -3.12 -2.04 -1.82
N ALA B 289 -3.78 -3.20 -1.63
CA ALA B 289 -5.02 -3.25 -0.85
C ALA B 289 -4.76 -2.79 0.59
N ALA B 290 -3.67 -3.27 1.21
CA ALA B 290 -3.28 -2.76 2.53
C ALA B 290 -3.08 -1.26 2.49
N GLY B 291 -2.36 -0.76 1.48
CA GLY B 291 -2.19 0.68 1.38
C GLY B 291 -3.53 1.39 1.27
N SER B 292 -4.49 0.76 0.59
CA SER B 292 -5.82 1.34 0.42
C SER B 292 -6.59 1.31 1.73
N GLY B 293 -6.35 0.31 2.57
CA GLY B 293 -7.01 0.27 3.86
C GLY B 293 -6.54 1.40 4.75
N CYS B 294 -5.23 1.65 4.76
CA CYS B 294 -4.71 2.80 5.50
C CYS B 294 -5.35 4.09 5.03
N MET B 295 -5.38 4.33 3.72
CA MET B 295 -6.01 5.56 3.23
C MET B 295 -7.44 5.68 3.74
N ALA B 296 -8.20 4.57 3.66
CA ALA B 296 -9.60 4.60 4.06
C ALA B 296 -9.76 4.89 5.55
N ALA B 297 -8.91 4.28 6.39
CA ALA B 297 -8.94 4.59 7.81
C ALA B 297 -8.55 6.05 8.08
N LEU B 298 -7.44 6.54 7.48
CA LEU B 298 -7.04 7.93 7.70
C LEU B 298 -8.10 8.91 7.21
N SER B 299 -8.81 8.56 6.13
CA SER B 299 -9.90 9.39 5.63
C SER B 299 -11.06 9.44 6.62
N ALA B 300 -11.44 8.27 7.15
CA ALA B 300 -12.55 8.23 8.10
C ALA B 300 -12.23 9.03 9.36
N GLU B 301 -11.02 8.85 9.89
CA GLU B 301 -10.63 9.60 11.07
C GLU B 301 -10.78 11.09 10.81
N ARG B 302 -10.26 11.57 9.68
CA ARG B 302 -10.39 12.98 9.34
C ARG B 302 -11.85 13.37 9.17
N TYR B 303 -12.64 12.52 8.51
CA TYR B 303 -14.06 12.81 8.33
C TYR B 303 -14.74 12.98 9.67
N LEU B 304 -14.50 12.05 10.60
CA LEU B 304 -15.15 12.12 11.89
C LEU B 304 -14.73 13.38 12.62
N THR B 305 -13.43 13.69 12.63
CA THR B 305 -12.97 14.88 13.33
C THR B 305 -13.56 16.13 12.70
N ALA B 306 -13.63 16.17 11.37
CA ALA B 306 -14.14 17.36 10.70
C ALA B 306 -15.60 17.66 11.04
N ASN B 307 -16.35 16.67 11.54
CA ASN B 307 -17.76 16.86 11.90
C ASN B 307 -18.02 16.64 13.38
N ASN B 308 -16.99 16.68 14.23
CA ASN B 308 -17.15 16.47 15.66
C ASN B 308 -18.02 15.25 15.96
N LEU B 309 -17.70 14.12 15.31
CA LEU B 309 -18.46 12.91 15.55
C LEU B 309 -17.69 11.88 16.37
N VAL B 310 -16.45 12.14 16.73
CA VAL B 310 -15.62 11.10 17.32
C VAL B 310 -16.10 10.77 18.73
N ARG B 311 -16.42 9.50 18.97
CA ARG B 311 -16.66 9.02 20.31
C ARG B 311 -15.33 8.59 20.89
N GLU B 312 -15.10 8.91 22.16
CA GLU B 312 -13.77 8.78 22.72
C GLU B 312 -13.57 7.38 23.28
N PHE B 313 -12.53 6.71 22.81
CA PHE B 313 -12.02 5.49 23.43
C PHE B 313 -10.51 5.61 23.48
N LYS B 314 -9.89 4.92 24.45
CA LYS B 314 -8.46 4.96 24.64
C LYS B 314 -7.92 3.53 24.59
N GLN B 315 -6.60 3.41 24.73
CA GLN B 315 -5.93 2.11 24.71
C GLN B 315 -6.06 1.40 26.05
N LYS B 316 -6.13 0.08 26.00
CA LYS B 316 -6.35 -0.72 27.20
C LYS B 316 -5.02 -1.11 27.87
PA FAD C . 11.92 7.40 2.25
O1A FAD C . 11.85 6.38 3.32
O2A FAD C . 12.20 8.81 2.79
O5B FAD C . 13.04 6.91 1.12
C5B FAD C . 13.70 7.85 0.41
C4B FAD C . 14.88 7.08 -0.27
O4B FAD C . 15.26 7.78 -1.31
C3B FAD C . 16.06 6.99 0.70
O3B FAD C . 16.58 5.72 0.74
C2B FAD C . 17.05 7.98 0.07
O2B FAD C . 18.41 7.53 0.49
C1B FAD C . 16.83 7.82 -1.20
N9A FAD C . 17.32 8.98 -1.96
C8A FAD C . 16.97 10.25 -1.82
N7A FAD C . 17.70 10.97 -2.70
C5A FAD C . 18.49 10.14 -3.39
C6A FAD C . 19.43 10.37 -4.38
N6A FAD C . 19.89 11.59 -5.05
N1A FAD C . 20.13 9.36 -4.90
C2A FAD C . 19.88 8.08 -4.44
N3A FAD C . 18.96 7.85 -3.46
C4A FAD C . 18.28 8.89 -2.94
N1 FAD C . 5.36 5.50 8.60
C2 FAD C . 4.60 4.29 8.95
O2 FAD C . 3.84 3.78 8.10
N3 FAD C . 4.77 3.68 10.32
C4 FAD C . 5.62 4.27 11.29
O4 FAD C . 5.76 3.79 12.38
C4X FAD C . 6.41 5.51 10.89
N5 FAD C . 7.31 6.12 11.85
C5X FAD C . 8.06 7.34 11.47
C6 FAD C . 8.93 7.94 12.42
C7 FAD C . 9.64 9.09 12.07
C7M FAD C . 10.55 9.60 13.21
C8 FAD C . 9.48 9.64 10.79
C8M FAD C . 10.24 10.91 10.31
C9 FAD C . 8.61 9.06 9.83
C9A FAD C . 7.91 7.91 10.20
N10 FAD C . 6.96 7.27 9.19
C10 FAD C . 6.26 6.10 9.57
C1' FAD C . 6.77 7.81 7.83
C2' FAD C . 7.53 6.91 6.89
O2' FAD C . 8.85 6.90 7.27
C3' FAD C . 7.42 7.37 5.42
O3' FAD C . 6.13 7.34 4.95
C4' FAD C . 8.21 6.41 4.53
O4' FAD C . 9.53 6.32 4.95
C5' FAD C . 8.17 6.98 3.12
O5' FAD C . 8.66 5.95 2.28
P FAD C . 9.51 6.33 0.88
O1P FAD C . 10.13 5.05 0.34
O2P FAD C . 8.72 7.09 -0.22
O3P FAD C . 10.57 7.53 1.30
C8 P4G D . 30.60 9.91 4.90
C7 P4G D . 29.13 9.75 5.31
O4 P4G D . 28.64 8.50 4.90
C6 P4G D . 27.24 8.38 5.03
C5 P4G D . 26.78 6.91 5.06
O3 P4G D . 26.55 6.53 6.39
C4 P4G D . 26.49 5.15 6.61
C3 P4G D . 26.05 4.86 8.04
O2 P4G D . 24.64 4.84 8.17
C2 P4G D . 24.20 4.93 9.49
C1 P4G D . 22.71 4.59 9.58
H81 P4G D . 31.17 9.71 5.66
H82 P4G D . 30.75 10.82 4.60
H83 P4G D . 30.80 9.30 4.18
H71 P4G D . 29.07 9.81 6.28
H72 P4G D . 28.60 10.45 4.91
H61 P4G D . 26.95 8.81 5.84
H62 P4G D . 26.82 8.81 4.27
H51 P4G D . 25.97 6.82 4.54
H52 P4G D . 27.47 6.35 4.68
H41 P4G D . 25.86 4.75 5.99
H42 P4G D . 27.37 4.76 6.46
H31 P4G D . 26.40 4.00 8.31
H32 P4G D . 26.41 5.54 8.62
H21 P4G D . 24.70 4.32 10.05
H22 P4G D . 24.33 5.84 9.82
H11 P4G D . 22.51 4.22 10.45
H12 P4G D . 22.17 5.38 9.43
H13 P4G D . 22.49 3.93 8.89
PA FAD E . -10.17 -9.79 -0.05
O1A FAD E . -8.89 -10.41 0.40
O2A FAD E . -10.90 -10.64 -1.10
O5B FAD E . -11.12 -9.48 1.27
C5B FAD E . -12.46 -9.45 1.13
C4B FAD E . -13.08 -9.55 2.56
O4B FAD E . -14.31 -9.07 2.56
C3B FAD E . -13.17 -11.02 2.96
O3B FAD E . -12.58 -11.18 4.18
C2B FAD E . -14.72 -11.24 2.96
O2B FAD E . -15.05 -12.40 3.89
C1B FAD E . -15.18 -10.11 3.39
N9A FAD E . -16.60 -9.94 2.96
C8A FAD E . -17.07 -9.99 1.71
N7A FAD E . -18.41 -9.81 1.78
C5A FAD E . -18.75 -9.65 3.08
C6A FAD E . -19.99 -9.45 3.68
N6A FAD E . -21.35 -9.34 3.17
N1A FAD E . -20.07 -9.34 5.01
C2A FAD E . -18.91 -9.40 5.77
N3A FAD E . -17.69 -9.59 5.17
C4A FAD E . -17.63 -9.72 3.83
N1 FAD E . -1.81 -10.65 -4.06
C2 FAD E . -0.43 -10.35 -3.64
O2 FAD E . -0.09 -9.19 -3.40
N3 FAD E . 0.56 -11.47 -3.49
C4 FAD E . 0.20 -12.81 -3.76
O4 FAD E . 1.02 -13.68 -3.64
C4X FAD E . -1.24 -13.12 -4.18
N5 FAD E . -1.64 -14.49 -4.45
C5X FAD E . -3.04 -14.77 -4.88
C6 FAD E . -3.42 -16.10 -5.15
C7 FAD E . -4.72 -16.38 -5.55
C7M FAD E . -4.97 -17.89 -5.80
C8 FAD E . -5.65 -15.33 -5.69
C8M FAD E . -7.12 -15.59 -6.13
C9 FAD E . -5.26 -14.00 -5.43
C9A FAD E . -3.96 -13.73 -5.03
N10 FAD E . -3.53 -12.30 -4.74
C10 FAD E . -2.18 -12.04 -4.33
C1' FAD E . -4.46 -11.14 -4.85
C2' FAD E . -4.85 -10.78 -3.45
O2' FAD E . -5.49 -11.87 -2.90
C3' FAD E . -5.81 -9.58 -3.41
O3' FAD E . -5.24 -8.47 -4.00
C4' FAD E . -6.10 -9.21 -1.97
O4' FAD E . -6.71 -10.27 -1.29
C5' FAD E . -7.07 -8.03 -1.97
O5' FAD E . -7.37 -7.80 -0.61
P FAD E . -8.89 -7.20 -0.19
O1P FAD E . -8.88 -7.06 1.32
O2P FAD E . -9.29 -5.91 -0.94
O3P FAD E . -9.98 -8.29 -0.73
C8 P4G F . -10.67 -21.52 5.51
C7 P4G F . -11.81 -22.45 5.94
O4 P4G F . -12.63 -21.81 6.87
C6 P4G F . -13.58 -22.66 7.48
C5 P4G F . -14.69 -21.87 8.18
O3 P4G F . -15.87 -21.95 7.43
C4 P4G F . -16.85 -20.99 7.72
C3 P4G F . -18.08 -21.20 6.83
O2 P4G F . -18.99 -22.12 7.40
C2 P4G F . -20.02 -22.50 6.53
C1 P4G F . -21.06 -23.33 7.27
H81 P4G F . -11.04 -20.72 5.10
H82 P4G F . -10.09 -21.98 4.88
H83 P4G F . -10.15 -21.27 6.29
H71 P4G F . -12.34 -22.68 5.15
H72 P4G F . -11.44 -23.26 6.32
H61 P4G F . -13.98 -23.23 6.80
H62 P4G F . -13.12 -23.22 8.14
H51 P4G F . -14.84 -22.24 9.06
H52 P4G F . -14.43 -20.94 8.26
H41 P4G F . -17.11 -21.06 8.66
H42 P4G F . -16.48 -20.10 7.55
H31 P4G F . -18.53 -20.35 6.70
H32 P4G F . -17.79 -21.54 5.97
H21 P4G F . -20.45 -21.71 6.16
H22 P4G F . -19.65 -23.02 5.81
H11 P4G F . -21.79 -23.56 6.67
H12 P4G F . -20.65 -24.15 7.59
H13 P4G F . -21.40 -22.82 8.03
#